data_6ZR5
#
_entry.id   6ZR5
#
_cell.length_a   57.225
_cell.length_b   110.400
_cell.length_c   77.634
_cell.angle_alpha   90.000
_cell.angle_beta   94.390
_cell.angle_gamma   90.000
#
_symmetry.space_group_name_H-M   'P 1 21 1'
#
loop_
_entity.id
_entity.type
_entity.pdbx_description
1 polymer 'Mitogen-activated protein kinase 8'
2 polymer 'Cyclic AMP-dependent transcription factor ATF-2'
3 non-polymer 'MAGNESIUM ION'
4 non-polymer 'PHOSPHOAMINOPHOSPHONIC ACID-ADENYLATE ESTER'
5 non-polymer 'ZINC ION'
6 water water
#
loop_
_entity_poly.entity_id
_entity_poly.type
_entity_poly.pdbx_seq_one_letter_code
_entity_poly.pdbx_strand_id
1 'polypeptide(L)'
;GSMSRSKRDNNFYSVEIGDSTFTVLKRYQNLKPIGSGAQGIVCAAYDAILERNVAIKKLSRPFQNQTHAKRAYRELVLMK
CVNHKNIIGLLNVFTPQKSLEEFQDVYIVMELMDANLCQVIQMELDHERMSYLLYQMLCGIKHLHSAGIIHRDLKPSNIV
VKSDCTLKILDFGLARTAGTSFMMTPYVVTRYYRAPEVILGMGYKENVDIWSVGCIMGEMIKGGVLFPGTDHIDQWNKVI
EQLGTPCPEFMKKLQPTVRTYVENRPKYAGYSFEKLFPDVLFPADSEHNKLKASQARDLLSKMLVIDASKRISVDEALQH
PYINVWYDPSEAEAPPPKIPDKQLDEREHTIEEWKELIYKEVMDLE
;
A,B
2 'polypeptide(L)' YSDDKPFLCTAPGCGRRFTNEDHLAVHKRKHEMTLKFGPA C,D
#
loop_
_chem_comp.id
_chem_comp.type
_chem_comp.name
_chem_comp.formula
ANP non-polymer 'PHOSPHOAMINOPHOSPHONIC ACID-ADENYLATE ESTER' 'C10 H17 N6 O12 P3'
MG non-polymer 'MAGNESIUM ION' 'Mg 2'
ZN non-polymer 'ZINC ION' 'Zn 2'
#
# COMPACT_ATOMS: atom_id res chain seq x y z
N ARG A 5 -10.00 13.74 -33.93
CA ARG A 5 -11.38 13.58 -33.49
C ARG A 5 -11.94 14.86 -32.81
N SER A 6 -11.25 15.39 -31.78
CA SER A 6 -11.85 16.33 -30.87
C SER A 6 -10.90 17.48 -30.53
N LYS A 7 -11.43 18.71 -30.54
CA LYS A 7 -10.70 19.84 -30.01
C LYS A 7 -10.60 19.77 -28.50
N ARG A 8 -11.59 19.17 -27.84
CA ARG A 8 -11.63 19.20 -26.39
C ARG A 8 -10.72 18.19 -25.73
N ASP A 9 -10.36 17.11 -26.42
CA ASP A 9 -9.47 16.16 -25.80
C ASP A 9 -8.01 16.40 -26.19
N ASN A 10 -7.75 17.49 -26.94
CA ASN A 10 -6.42 18.09 -27.07
C ASN A 10 -6.04 18.91 -25.84
N ASN A 11 -6.94 19.01 -24.88
CA ASN A 11 -6.72 19.70 -23.61
C ASN A 11 -6.26 18.77 -22.52
N PHE A 12 -6.26 17.46 -22.80
CA PHE A 12 -5.90 16.44 -21.82
C PHE A 12 -4.75 15.57 -22.29
N TYR A 13 -4.05 15.00 -21.32
CA TYR A 13 -3.12 13.92 -21.59
C TYR A 13 -3.24 12.90 -20.46
N SER A 14 -2.66 11.73 -20.67
CA SER A 14 -2.75 10.60 -19.77
C SER A 14 -1.37 10.25 -19.25
N VAL A 15 -1.30 9.92 -17.96
CA VAL A 15 -0.08 9.50 -17.30
C VAL A 15 -0.46 8.30 -16.45
N GLU A 16 0.42 7.30 -16.40
CA GLU A 16 0.17 6.07 -15.65
C GLU A 16 0.88 6.16 -14.30
N ILE A 17 0.15 5.87 -13.24
CA ILE A 17 0.69 5.79 -11.89
C ILE A 17 0.24 4.42 -11.35
N GLY A 18 1.15 3.45 -11.34
CA GLY A 18 0.74 2.09 -10.97
C GLY A 18 -0.28 1.54 -11.96
N ASP A 19 -1.35 0.92 -11.43
CA ASP A 19 -2.46 0.45 -12.25
C ASP A 19 -3.43 1.58 -12.59
N SER A 20 -3.40 2.64 -11.81
CA SER A 20 -4.23 3.81 -12.02
C SER A 20 -3.72 4.59 -13.22
N THR A 21 -4.65 5.13 -14.02
CA THR A 21 -4.31 6.09 -15.05
C THR A 21 -4.97 7.43 -14.76
N PHE A 22 -4.19 8.49 -14.76
CA PHE A 22 -4.69 9.84 -14.60
C PHE A 22 -4.77 10.49 -15.99
N THR A 23 -5.97 10.83 -16.44
CA THR A 23 -6.17 11.65 -17.65
C THR A 23 -6.51 13.05 -17.12
N VAL A 24 -5.55 14.00 -17.16
CA VAL A 24 -5.71 15.33 -16.53
C VAL A 24 -5.50 16.48 -17.54
N LEU A 25 -5.89 17.69 -17.12
CA LEU A 25 -5.68 18.91 -17.91
C LEU A 25 -4.18 19.17 -18.13
N LYS A 26 -3.81 19.56 -19.36
CA LYS A 26 -2.39 19.58 -19.69
C LYS A 26 -1.62 20.64 -18.91
N ARG A 27 -2.34 21.56 -18.25
CA ARG A 27 -1.69 22.44 -17.28
C ARG A 27 -1.03 21.67 -16.16
N TYR A 28 -1.53 20.49 -15.82
CA TYR A 28 -1.01 19.72 -14.69
C TYR A 28 0.10 18.81 -15.21
N GLN A 29 1.33 19.16 -14.88
CA GLN A 29 2.53 18.45 -15.28
C GLN A 29 3.24 17.82 -14.07
N ASN A 30 4.16 16.91 -14.39
CA ASN A 30 5.03 16.27 -13.40
C ASN A 30 4.25 15.52 -12.32
N LEU A 31 3.17 14.81 -12.67
CA LEU A 31 2.42 14.07 -11.65
C LEU A 31 3.30 13.03 -10.95
N LYS A 32 3.11 12.85 -9.63
CA LYS A 32 3.92 11.91 -8.78
C LYS A 32 3.11 11.35 -7.61
N PRO A 33 3.20 10.05 -7.32
CA PRO A 33 2.55 9.52 -6.11
C PRO A 33 2.97 10.26 -4.84
N ILE A 34 1.98 10.74 -4.08
CA ILE A 34 2.25 11.36 -2.79
C ILE A 34 1.39 10.78 -1.69
N GLY A 35 0.52 9.84 -2.01
CA GLY A 35 -0.24 9.17 -0.96
C GLY A 35 -1.34 8.36 -1.56
N SER A 36 -1.92 7.52 -0.71
CA SER A 36 -2.97 6.61 -1.16
C SER A 36 -3.88 6.31 0.01
N GLY A 37 -5.06 5.83 -0.33
CA GLY A 37 -6.07 5.43 0.62
C GLY A 37 -6.91 4.39 -0.10
N ALA A 38 -8.16 4.20 0.33
CA ALA A 38 -9.06 3.28 -0.35
C ALA A 38 -9.61 3.82 -1.68
N GLN A 39 -9.59 5.12 -1.91
CA GLN A 39 -10.03 5.67 -3.19
C GLN A 39 -8.91 5.77 -4.23
N GLY A 40 -7.71 5.29 -3.92
CA GLY A 40 -6.61 5.31 -4.86
C GLY A 40 -5.51 6.30 -4.52
N ILE A 41 -4.73 6.65 -5.55
CA ILE A 41 -3.57 7.51 -5.38
C ILE A 41 -3.99 8.97 -5.51
N VAL A 42 -3.26 9.81 -4.79
CA VAL A 42 -3.27 11.24 -4.89
C VAL A 42 -1.91 11.66 -5.44
N CYS A 43 -1.87 12.70 -6.27
CA CYS A 43 -0.59 13.14 -6.84
C CYS A 43 -0.27 14.60 -6.53
N ALA A 44 1.02 14.85 -6.34
CA ALA A 44 1.64 16.14 -6.53
C ALA A 44 1.65 16.50 -8.02
N ALA A 45 1.44 17.77 -8.32
CA ALA A 45 1.67 18.22 -9.69
C ALA A 45 2.05 19.69 -9.71
N TYR A 46 2.59 20.09 -10.84
CA TYR A 46 2.83 21.50 -11.10
C TYR A 46 1.71 22.02 -12.00
N ASP A 47 1.05 23.09 -11.57
CA ASP A 47 0.05 23.81 -12.35
C ASP A 47 0.79 24.84 -13.20
N ALA A 48 0.84 24.61 -14.51
CA ALA A 48 1.67 25.52 -15.32
C ALA A 48 1.03 26.89 -15.46
N ILE A 49 -0.28 26.97 -15.33
CA ILE A 49 -0.94 28.27 -15.38
C ILE A 49 -0.75 29.01 -14.07
N LEU A 50 -1.15 28.38 -12.95
CA LEU A 50 -0.95 28.97 -11.62
C LEU A 50 0.50 29.01 -11.19
N GLU A 51 1.39 28.30 -11.88
CA GLU A 51 2.81 28.29 -11.53
C GLU A 51 3.01 28.02 -10.03
N ARG A 52 2.44 26.92 -9.54
CA ARG A 52 2.54 26.45 -8.15
C ARG A 52 2.30 24.95 -8.10
N ASN A 53 2.49 24.35 -6.92
CA ASN A 53 2.21 22.92 -6.79
C ASN A 53 0.81 22.75 -6.26
N VAL A 54 0.28 21.54 -6.49
CA VAL A 54 -1.11 21.20 -6.21
C VAL A 54 -1.12 19.74 -5.80
N ALA A 55 -2.17 19.32 -5.10
CA ALA A 55 -2.50 17.91 -5.01
C ALA A 55 -3.67 17.57 -5.95
N ILE A 56 -3.62 16.40 -6.58
CA ILE A 56 -4.70 15.96 -7.49
C ILE A 56 -5.23 14.61 -7.04
N LYS A 57 -6.53 14.54 -6.74
CA LYS A 57 -7.19 13.32 -6.29
C LYS A 57 -8.26 12.87 -7.27
N LYS A 58 -8.19 11.60 -7.69
CA LYS A 58 -9.14 11.03 -8.66
C LYS A 58 -10.22 10.22 -7.96
N LEU A 59 -11.46 10.49 -8.28
CA LEU A 59 -12.57 9.64 -7.87
C LEU A 59 -13.03 8.91 -9.11
N SER A 60 -12.92 7.58 -9.07
CA SER A 60 -13.37 6.72 -10.16
C SER A 60 -14.80 6.33 -9.89
N ARG A 61 -15.73 6.71 -10.79
CA ARG A 61 -17.16 6.47 -10.65
C ARG A 61 -17.62 6.79 -9.23
N PRO A 62 -17.75 8.06 -8.86
CA PRO A 62 -18.27 8.41 -7.52
C PRO A 62 -19.72 7.96 -7.26
N PHE A 63 -20.41 7.57 -8.32
CA PHE A 63 -21.83 7.18 -8.17
C PHE A 63 -21.96 5.65 -8.29
N GLN A 64 -20.95 4.89 -7.90
CA GLN A 64 -21.07 3.42 -8.03
C GLN A 64 -22.23 2.92 -7.18
N ASN A 65 -22.39 3.45 -5.98
CA ASN A 65 -23.54 3.11 -5.11
C ASN A 65 -24.15 4.40 -4.57
N GLN A 66 -25.12 4.32 -3.70
CA GLN A 66 -25.76 5.57 -3.27
C GLN A 66 -25.04 6.25 -2.12
N THR A 67 -24.47 5.51 -1.17
CA THR A 67 -23.83 6.24 -0.08
C THR A 67 -22.56 6.94 -0.54
N HIS A 68 -21.79 6.30 -1.42
CA HIS A 68 -20.64 6.99 -2.01
C HIS A 68 -21.07 8.19 -2.84
N ALA A 69 -22.17 8.06 -3.60
CA ALA A 69 -22.65 9.19 -4.39
C ALA A 69 -22.95 10.40 -3.50
N LYS A 70 -23.62 10.17 -2.36
CA LYS A 70 -23.94 11.26 -1.42
C LYS A 70 -22.67 11.83 -0.83
N ARG A 71 -21.66 11.00 -0.61
CA ARG A 71 -20.44 11.49 0.00
C ARG A 71 -19.62 12.31 -0.99
N ALA A 72 -19.65 11.92 -2.27
CA ALA A 72 -18.95 12.68 -3.30
C ALA A 72 -19.61 14.03 -3.54
N TYR A 73 -20.94 14.04 -3.75
CA TYR A 73 -21.65 15.30 -3.91
C TYR A 73 -21.51 16.19 -2.69
N ARG A 74 -21.47 15.60 -1.49
CA ARG A 74 -21.33 16.40 -0.29
C ARG A 74 -19.93 17.01 -0.20
N GLU A 75 -18.88 16.20 -0.44
CA GLU A 75 -17.54 16.77 -0.37
C GLU A 75 -17.28 17.79 -1.47
N LEU A 76 -18.02 17.73 -2.58
CA LEU A 76 -17.82 18.67 -3.66
C LEU A 76 -18.45 20.03 -3.33
N VAL A 77 -19.74 20.07 -2.95
CA VAL A 77 -20.33 21.39 -2.71
C VAL A 77 -19.64 22.07 -1.51
N LEU A 78 -19.18 21.31 -0.51
CA LEU A 78 -18.63 21.93 0.70
C LEU A 78 -17.22 22.46 0.48
N MET A 79 -16.34 21.64 -0.11
CA MET A 79 -15.02 22.14 -0.50
C MET A 79 -15.17 23.33 -1.45
N LYS A 80 -16.26 23.38 -2.21
CA LYS A 80 -16.49 24.52 -3.08
C LYS A 80 -16.73 25.78 -2.28
N CYS A 81 -17.29 25.68 -1.07
CA CYS A 81 -17.79 26.87 -0.38
C CYS A 81 -17.24 27.08 1.05
N VAL A 82 -16.27 26.28 1.46
CA VAL A 82 -15.56 26.47 2.71
C VAL A 82 -14.18 27.02 2.36
N ASN A 83 -13.89 28.25 2.80
CA ASN A 83 -12.56 28.85 2.66
C ASN A 83 -12.00 29.16 4.06
N HIS A 84 -11.12 28.29 4.56
CA HIS A 84 -10.49 28.46 5.86
C HIS A 84 -9.08 27.92 5.82
N LYS A 85 -8.19 28.59 6.56
CA LYS A 85 -6.77 28.24 6.62
C LYS A 85 -6.51 26.79 7.03
N ASN A 86 -7.39 26.21 7.83
CA ASN A 86 -7.23 24.87 8.37
C ASN A 86 -8.20 23.87 7.76
N ILE A 87 -8.81 24.22 6.63
CA ILE A 87 -9.61 23.31 5.82
C ILE A 87 -8.97 23.29 4.45
N ILE A 88 -8.85 22.09 3.87
CA ILE A 88 -8.25 21.93 2.55
C ILE A 88 -9.10 22.64 1.50
N GLY A 89 -8.46 23.41 0.63
CA GLY A 89 -9.15 24.18 -0.39
C GLY A 89 -9.03 23.58 -1.79
N LEU A 90 -10.16 23.60 -2.49
CA LEU A 90 -10.30 23.07 -3.86
C LEU A 90 -9.88 24.15 -4.84
N LEU A 91 -8.94 23.83 -5.72
CA LEU A 91 -8.34 24.74 -6.70
C LEU A 91 -9.02 24.66 -8.07
N ASN A 92 -9.60 23.51 -8.38
CA ASN A 92 -10.22 23.18 -9.66
C ASN A 92 -10.87 21.83 -9.48
N VAL A 93 -11.88 21.55 -10.28
CA VAL A 93 -12.45 20.21 -10.34
C VAL A 93 -12.89 19.99 -11.78
N PHE A 94 -12.64 18.78 -12.29
CA PHE A 94 -12.89 18.58 -13.71
C PHE A 94 -13.18 17.11 -13.96
N THR A 95 -13.63 16.83 -15.19
CA THR A 95 -13.75 15.50 -15.66
C THR A 95 -13.25 15.46 -17.09
N PRO A 96 -12.52 14.41 -17.48
CA PRO A 96 -12.04 14.31 -18.87
C PRO A 96 -13.09 13.80 -19.85
N GLN A 97 -14.18 13.20 -19.36
CA GLN A 97 -15.20 12.66 -20.24
C GLN A 97 -16.08 13.76 -20.84
N LYS A 98 -16.48 13.56 -22.11
CA LYS A 98 -17.09 14.62 -22.92
C LYS A 98 -18.61 14.77 -22.73
N SER A 99 -19.29 13.79 -22.15
CA SER A 99 -20.71 13.97 -21.82
C SER A 99 -21.11 13.10 -20.63
N LEU A 100 -22.40 13.19 -20.27
CA LEU A 100 -22.92 12.45 -19.13
C LEU A 100 -23.11 10.96 -19.45
N GLU A 101 -23.47 10.61 -20.69
CA GLU A 101 -23.51 9.19 -21.04
C GLU A 101 -22.12 8.57 -20.88
N GLU A 102 -21.08 9.36 -21.12
CA GLU A 102 -19.71 8.92 -20.98
C GLU A 102 -19.08 9.31 -19.63
N PHE A 103 -19.76 10.12 -18.82
CA PHE A 103 -19.18 10.62 -17.58
C PHE A 103 -18.82 9.49 -16.63
N GLN A 104 -17.58 9.49 -16.13
CA GLN A 104 -17.15 8.41 -15.24
C GLN A 104 -16.28 8.89 -14.09
N ASP A 105 -15.23 9.67 -14.37
CA ASP A 105 -14.20 10.00 -13.38
C ASP A 105 -14.25 11.47 -12.96
N VAL A 106 -13.94 11.72 -11.69
CA VAL A 106 -13.91 13.08 -11.14
C VAL A 106 -12.53 13.36 -10.54
N TYR A 107 -11.95 14.51 -10.89
CA TYR A 107 -10.64 14.89 -10.39
C TYR A 107 -10.76 16.16 -9.58
N ILE A 108 -10.27 16.12 -8.33
CA ILE A 108 -10.28 17.25 -7.40
C ILE A 108 -8.86 17.79 -7.30
N VAL A 109 -8.66 19.05 -7.66
CA VAL A 109 -7.34 19.70 -7.52
C VAL A 109 -7.36 20.54 -6.25
N MET A 110 -6.51 20.19 -5.29
CA MET A 110 -6.46 20.89 -4.02
C MET A 110 -5.05 21.38 -3.77
N GLU A 111 -4.89 22.11 -2.67
CA GLU A 111 -3.56 22.57 -2.32
C GLU A 111 -2.68 21.39 -1.92
N LEU A 112 -1.38 21.58 -2.13
CA LEU A 112 -0.39 20.55 -1.90
C LEU A 112 0.21 20.73 -0.50
N MET A 113 0.15 19.66 0.30
CA MET A 113 0.70 19.58 1.63
C MET A 113 1.78 18.48 1.66
N ASP A 114 2.52 18.44 2.77
CA ASP A 114 3.77 17.70 2.92
C ASP A 114 3.61 16.25 3.35
N ALA A 115 2.54 15.91 4.07
CA ALA A 115 2.37 14.64 4.78
C ALA A 115 1.01 14.69 5.44
N ASN A 116 0.59 13.58 6.02
CA ASN A 116 -0.55 13.59 6.94
C ASN A 116 -0.08 13.38 8.38
N LEU A 117 -1.04 13.56 9.30
CA LEU A 117 -0.76 13.63 10.72
C LEU A 117 -0.26 12.30 11.31
N CYS A 118 -0.65 11.16 10.73
CA CYS A 118 -0.06 9.87 11.12
C CYS A 118 1.46 9.89 11.01
N GLN A 119 2.01 10.68 10.09
CA GLN A 119 3.46 10.68 10.00
C GLN A 119 4.08 11.59 11.05
N VAL A 120 3.29 12.45 11.68
CA VAL A 120 3.75 13.25 12.82
C VAL A 120 3.49 12.53 14.14
N ILE A 121 2.33 11.90 14.28
CA ILE A 121 1.93 11.29 15.55
C ILE A 121 2.94 10.24 15.99
N GLN A 122 3.54 9.54 15.03
CA GLN A 122 4.52 8.53 15.40
C GLN A 122 5.81 9.19 15.91
N MET A 123 6.05 10.44 15.53
CA MET A 123 7.24 11.23 15.88
C MET A 123 7.23 11.63 17.37
N GLU A 124 8.30 12.29 17.79
CA GLU A 124 8.37 12.99 19.06
C GLU A 124 7.93 14.42 18.85
N LEU A 125 7.15 14.94 19.80
CA LEU A 125 6.62 16.33 19.71
C LEU A 125 6.65 17.01 21.07
N ASP A 126 7.08 18.26 21.09
CA ASP A 126 7.09 19.11 22.30
C ASP A 126 5.70 19.71 22.50
N HIS A 127 5.43 20.30 23.64
CA HIS A 127 4.09 20.91 23.84
C HIS A 127 3.83 21.98 22.80
N GLU A 128 4.85 22.70 22.38
CA GLU A 128 4.59 23.79 21.45
C GLU A 128 4.07 23.23 20.13
N ARG A 129 4.61 22.11 19.65
CA ARG A 129 4.07 21.59 18.38
C ARG A 129 2.69 21.01 18.62
N MET A 130 2.56 20.15 19.62
CA MET A 130 1.29 19.46 19.84
C MET A 130 0.15 20.44 20.01
N SER A 131 0.32 21.40 20.92
CA SER A 131 -0.76 22.35 21.15
C SER A 131 -0.99 23.22 19.90
N TYR A 132 0.07 23.56 19.18
CA TYR A 132 -0.18 24.34 17.97
C TYR A 132 -1.00 23.55 16.95
N LEU A 133 -0.66 22.28 16.75
CA LEU A 133 -1.44 21.46 15.83
C LEU A 133 -2.88 21.35 16.30
N LEU A 134 -3.11 20.95 17.56
CA LEU A 134 -4.50 20.74 18.00
C LEU A 134 -5.30 22.02 17.89
N TYR A 135 -4.71 23.13 18.31
CA TYR A 135 -5.34 24.43 18.12
C TYR A 135 -5.81 24.62 16.69
N GLN A 136 -4.98 24.19 15.73
CA GLN A 136 -5.33 24.31 14.32
C GLN A 136 -6.53 23.43 13.97
N MET A 137 -6.60 22.21 14.51
CA MET A 137 -7.80 21.41 14.22
C MET A 137 -9.03 22.08 14.81
N LEU A 138 -8.92 22.53 16.06
CA LEU A 138 -10.07 23.19 16.70
C LEU A 138 -10.54 24.40 15.90
N CYS A 139 -9.62 25.10 15.20
CA CYS A 139 -10.05 26.20 14.36
C CYS A 139 -10.79 25.71 13.13
N GLY A 140 -10.32 24.59 12.55
CA GLY A 140 -11.02 24.01 11.43
C GLY A 140 -12.36 23.44 11.84
N ILE A 141 -12.37 22.66 12.93
CA ILE A 141 -13.62 22.10 13.42
C ILE A 141 -14.62 23.23 13.72
N LYS A 142 -14.16 24.27 14.42
CA LYS A 142 -15.06 25.39 14.72
C LYS A 142 -15.58 26.05 13.45
N HIS A 143 -14.75 26.18 12.42
CA HIS A 143 -15.28 26.78 11.20
C HIS A 143 -16.41 25.93 10.62
N LEU A 144 -16.22 24.60 10.56
CA LEU A 144 -17.28 23.72 10.07
C LEU A 144 -18.57 23.88 10.87
N HIS A 145 -18.47 23.91 12.21
CA HIS A 145 -19.69 23.94 13.03
C HIS A 145 -20.47 25.23 12.84
N SER A 146 -19.80 26.37 12.60
CA SER A 146 -20.46 27.63 12.26
C SER A 146 -21.50 27.47 11.15
N ALA A 147 -21.21 26.67 10.14
CA ALA A 147 -22.11 26.47 9.03
C ALA A 147 -23.02 25.27 9.24
N GLY A 148 -22.93 24.60 10.39
CA GLY A 148 -23.79 23.47 10.67
C GLY A 148 -23.24 22.11 10.30
N ILE A 149 -21.95 21.98 10.08
CA ILE A 149 -21.35 20.75 9.58
C ILE A 149 -20.60 20.08 10.73
N ILE A 150 -21.21 19.01 11.24
CA ILE A 150 -20.64 18.16 12.28
C ILE A 150 -19.88 17.00 11.64
N HIS A 151 -18.55 17.04 11.73
CA HIS A 151 -17.69 16.09 11.03
C HIS A 151 -18.04 14.65 11.37
N ARG A 152 -18.02 14.32 12.68
CA ARG A 152 -18.35 13.03 13.26
C ARG A 152 -17.30 11.94 12.99
N ASP A 153 -16.25 12.22 12.22
CA ASP A 153 -15.24 11.19 12.03
C ASP A 153 -13.89 11.74 11.59
N LEU A 154 -13.27 12.59 12.41
CA LEU A 154 -11.92 13.07 12.15
C LEU A 154 -10.92 11.98 12.47
N LYS A 155 -9.93 11.81 11.61
CA LYS A 155 -8.90 10.83 11.87
C LYS A 155 -7.56 11.39 11.43
N PRO A 156 -6.46 10.98 12.06
CA PRO A 156 -5.14 11.49 11.64
C PRO A 156 -4.80 11.24 10.18
N SER A 157 -5.37 10.23 9.52
CA SER A 157 -4.94 10.06 8.13
C SER A 157 -5.70 10.97 7.17
N ASN A 158 -6.71 11.68 7.62
CA ASN A 158 -7.38 12.60 6.72
C ASN A 158 -7.18 14.02 7.17
N ILE A 159 -6.04 14.24 7.81
CA ILE A 159 -5.56 15.57 8.16
C ILE A 159 -4.12 15.65 7.70
N VAL A 160 -3.80 16.70 6.97
CA VAL A 160 -2.46 16.90 6.49
C VAL A 160 -1.84 18.14 7.14
N VAL A 161 -0.51 18.11 7.25
CA VAL A 161 0.26 19.17 7.89
C VAL A 161 1.41 19.53 6.95
N LYS A 162 1.98 20.69 7.17
CA LYS A 162 3.10 21.07 6.33
C LYS A 162 4.31 21.29 7.23
N SER A 163 5.49 21.42 6.62
CA SER A 163 6.75 21.46 7.38
C SER A 163 6.90 22.71 8.25
N ASP A 164 6.19 23.80 7.94
CA ASP A 164 6.09 24.94 8.85
C ASP A 164 5.05 24.69 9.95
N CYS A 165 4.58 23.44 10.10
CA CYS A 165 3.64 22.97 11.10
C CYS A 165 2.21 23.47 10.90
N THR A 166 1.83 23.89 9.69
CA THR A 166 0.43 24.20 9.47
C THR A 166 -0.36 22.94 9.13
N LEU A 167 -1.68 23.05 9.28
CA LEU A 167 -2.54 21.89 9.29
C LEU A 167 -3.84 22.16 8.56
N LYS A 168 -4.27 21.22 7.76
CA LYS A 168 -5.52 21.35 7.05
C LYS A 168 -6.23 20.01 7.15
N ILE A 169 -7.51 20.07 7.49
CA ILE A 169 -8.37 18.90 7.56
C ILE A 169 -8.82 18.57 6.13
N LEU A 170 -8.75 17.28 5.77
CA LEU A 170 -8.99 16.94 4.36
C LEU A 170 -10.47 16.78 4.00
N ASP A 171 -11.27 16.14 4.83
CA ASP A 171 -12.65 15.74 4.55
C ASP A 171 -13.64 16.48 5.46
N PHE A 172 -14.92 16.26 5.19
CA PHE A 172 -16.02 16.86 5.94
C PHE A 172 -16.87 15.83 6.69
N GLY A 173 -16.45 14.57 6.76
CA GLY A 173 -17.17 13.60 7.53
C GLY A 173 -18.43 13.05 6.85
N LEU A 174 -19.20 12.34 7.67
CA LEU A 174 -20.38 11.59 7.26
C LEU A 174 -21.63 12.44 7.09
N ALA A 175 -22.53 11.99 6.22
CA ALA A 175 -23.82 12.66 6.02
C ALA A 175 -24.80 12.24 7.11
N ARG A 176 -25.62 13.20 7.56
CA ARG A 176 -26.53 13.04 8.70
C ARG A 176 -27.29 11.72 8.67
N THR A 177 -27.41 11.10 9.84
CA THR A 177 -28.11 9.83 10.03
C THR A 177 -28.37 9.59 11.51
N THR A 190 -13.13 0.53 10.73
CA THR A 190 -12.33 1.14 11.81
C THR A 190 -12.96 2.36 12.54
N ARG A 191 -13.41 2.14 13.77
CA ARG A 191 -14.13 3.16 14.53
C ARG A 191 -13.27 3.86 15.58
N TYR A 192 -11.94 3.93 15.39
CA TYR A 192 -11.00 4.31 16.48
C TYR A 192 -11.11 5.76 16.97
N TYR A 193 -11.66 6.68 16.18
CA TYR A 193 -11.85 8.07 16.61
C TYR A 193 -13.32 8.41 16.65
N ARG A 194 -14.17 7.39 16.66
CA ARG A 194 -15.60 7.59 16.69
C ARG A 194 -16.05 7.72 18.12
N ALA A 195 -16.83 8.79 18.40
CA ALA A 195 -17.35 9.05 19.74
C ALA A 195 -18.34 7.97 20.16
N PRO A 196 -18.50 7.75 21.47
CA PRO A 196 -19.55 6.82 21.94
C PRO A 196 -20.94 7.16 21.44
N GLU A 197 -21.29 8.44 21.42
CA GLU A 197 -22.63 8.83 20.98
C GLU A 197 -22.96 8.50 19.53
N VAL A 198 -21.99 8.15 18.68
CA VAL A 198 -22.38 7.77 17.33
C VAL A 198 -22.13 6.29 17.10
N ILE A 199 -21.26 5.70 17.89
CA ILE A 199 -21.04 4.23 17.83
C ILE A 199 -22.15 3.47 18.56
N LEU A 200 -22.93 4.15 19.40
CA LEU A 200 -24.07 3.55 20.08
C LEU A 200 -25.41 4.10 19.60
N GLY A 201 -25.43 4.87 18.51
CA GLY A 201 -26.68 5.26 17.88
C GLY A 201 -27.59 6.14 18.70
N MET A 202 -27.02 7.03 19.50
CA MET A 202 -27.81 8.05 20.16
C MET A 202 -27.92 9.22 19.20
N GLY A 203 -28.47 10.32 19.66
CA GLY A 203 -28.29 11.56 18.95
C GLY A 203 -26.89 12.08 19.20
N TYR A 204 -26.51 13.09 18.44
CA TYR A 204 -25.20 13.70 18.61
C TYR A 204 -25.34 15.21 18.51
N LYS A 205 -24.31 15.92 18.98
CA LYS A 205 -24.26 17.37 18.82
C LYS A 205 -22.86 17.76 18.35
N GLU A 206 -22.63 19.06 18.22
CA GLU A 206 -21.37 19.56 17.70
C GLU A 206 -20.17 18.98 18.45
N ASN A 207 -20.31 18.70 19.74
CA ASN A 207 -19.08 18.32 20.42
C ASN A 207 -18.78 16.83 20.27
N VAL A 208 -19.57 16.09 19.50
CA VAL A 208 -19.16 14.76 19.03
C VAL A 208 -17.71 14.77 18.56
N ASP A 209 -17.29 15.84 17.87
CA ASP A 209 -15.97 15.97 17.29
C ASP A 209 -14.89 16.22 18.35
N ILE A 210 -15.26 16.74 19.52
CA ILE A 210 -14.26 16.93 20.56
C ILE A 210 -13.66 15.60 21.01
N TRP A 211 -14.48 14.55 21.01
CA TRP A 211 -13.99 13.22 21.35
C TRP A 211 -12.80 12.84 20.48
N SER A 212 -12.84 13.19 19.18
CA SER A 212 -11.85 12.76 18.20
C SER A 212 -10.59 13.60 18.26
N VAL A 213 -10.71 14.87 18.64
CA VAL A 213 -9.50 15.61 19.00
C VAL A 213 -8.87 14.96 20.22
N GLY A 214 -9.71 14.49 21.13
CA GLY A 214 -9.22 13.79 22.32
C GLY A 214 -8.42 12.55 21.99
N CYS A 215 -8.90 11.74 21.03
CA CYS A 215 -8.15 10.53 20.70
C CYS A 215 -6.88 10.86 19.95
N ILE A 216 -6.89 11.92 19.15
CA ILE A 216 -5.66 12.29 18.47
C ILE A 216 -4.68 12.93 19.45
N MET A 217 -5.15 13.83 20.29
CA MET A 217 -4.27 14.36 21.33
C MET A 217 -3.66 13.21 22.14
N GLY A 218 -4.52 12.36 22.69
CA GLY A 218 -4.03 11.20 23.42
C GLY A 218 -3.07 10.36 22.58
N GLU A 219 -3.34 10.28 21.27
CA GLU A 219 -2.47 9.48 20.41
C GLU A 219 -1.10 10.10 20.29
N MET A 220 -1.07 11.44 20.13
CA MET A 220 0.20 12.17 20.08
C MET A 220 1.03 11.99 21.35
N ILE A 221 0.38 11.92 22.54
CA ILE A 221 1.16 11.85 23.77
C ILE A 221 1.65 10.42 23.99
N LYS A 222 0.74 9.45 23.91
CA LYS A 222 1.08 8.06 24.22
C LYS A 222 2.04 7.47 23.19
N GLY A 223 1.78 7.71 21.89
CA GLY A 223 2.61 7.19 20.81
C GLY A 223 1.94 6.19 19.88
N GLY A 224 0.74 5.71 20.22
CA GLY A 224 0.02 4.78 19.37
C GLY A 224 -1.46 4.86 19.66
N VAL A 225 -2.24 4.18 18.80
CA VAL A 225 -3.70 4.24 18.85
C VAL A 225 -4.22 3.88 20.22
N LEU A 226 -5.08 4.76 20.77
CA LEU A 226 -5.60 4.61 22.13
C LEU A 226 -6.58 3.45 22.24
N PHE A 227 -7.62 3.48 21.41
CA PHE A 227 -8.69 2.48 21.45
C PHE A 227 -8.78 1.83 20.07
N PRO A 228 -7.80 0.94 19.74
CA PRO A 228 -7.89 0.19 18.46
C PRO A 228 -8.76 -1.06 18.57
N GLY A 229 -10.03 -0.94 18.21
CA GLY A 229 -10.97 -2.04 18.41
C GLY A 229 -11.11 -2.87 17.15
N THR A 230 -10.99 -4.20 17.35
CA THR A 230 -11.05 -5.21 16.30
C THR A 230 -12.45 -5.35 15.70
N ASP A 231 -13.49 -5.13 16.50
CA ASP A 231 -14.86 -5.29 16.04
C ASP A 231 -15.63 -4.04 16.44
N HIS A 232 -16.95 -4.13 16.39
CA HIS A 232 -17.79 -3.06 16.89
C HIS A 232 -18.05 -3.27 18.38
N ILE A 233 -17.84 -4.51 18.85
CA ILE A 233 -17.93 -4.87 20.26
C ILE A 233 -16.60 -4.58 20.99
N ASP A 234 -15.47 -4.90 20.34
CA ASP A 234 -14.17 -4.65 20.94
C ASP A 234 -13.89 -3.16 21.05
N GLN A 235 -14.49 -2.35 20.17
CA GLN A 235 -14.25 -0.90 20.16
C GLN A 235 -14.94 -0.21 21.33
N TRP A 236 -16.10 -0.71 21.77
CA TRP A 236 -16.72 -0.17 22.97
C TRP A 236 -16.03 -0.68 24.22
N ASN A 237 -15.64 -1.96 24.24
CA ASN A 237 -14.99 -2.53 25.42
C ASN A 237 -13.63 -1.86 25.68
N LYS A 238 -12.82 -1.69 24.63
CA LYS A 238 -11.50 -1.11 24.79
C LYS A 238 -11.57 0.37 25.18
N VAL A 239 -12.76 0.99 25.04
CA VAL A 239 -12.98 2.32 25.59
C VAL A 239 -13.25 2.25 27.09
N ILE A 240 -14.16 1.36 27.52
CA ILE A 240 -14.58 1.34 28.92
C ILE A 240 -13.51 0.77 29.84
N GLU A 241 -12.62 -0.10 29.34
CA GLU A 241 -11.56 -0.56 30.23
C GLU A 241 -10.71 0.63 30.69
N GLN A 242 -10.47 1.59 29.79
CA GLN A 242 -9.60 2.70 30.18
C GLN A 242 -10.37 3.80 30.88
N LEU A 243 -11.56 4.11 30.40
CA LEU A 243 -12.34 5.23 30.90
C LEU A 243 -13.42 4.83 31.90
N GLY A 244 -13.66 3.53 32.10
CA GLY A 244 -14.64 3.04 33.07
C GLY A 244 -16.07 3.04 32.54
N THR A 245 -16.95 2.15 33.02
CA THR A 245 -18.31 2.09 32.48
C THR A 245 -19.07 3.36 32.83
N PRO A 246 -19.80 3.94 31.89
CA PRO A 246 -20.51 5.21 32.10
C PRO A 246 -21.61 5.11 33.15
N CYS A 247 -22.10 6.30 33.52
CA CYS A 247 -23.00 6.49 34.64
C CYS A 247 -24.44 6.07 34.32
N PRO A 248 -25.23 5.72 35.34
CA PRO A 248 -26.62 5.32 35.08
C PRO A 248 -27.44 6.45 34.50
N GLU A 249 -27.11 7.69 34.86
CA GLU A 249 -27.82 8.83 34.32
C GLU A 249 -27.61 9.00 32.83
N PHE A 250 -26.52 8.44 32.27
CA PHE A 250 -26.20 8.56 30.85
C PHE A 250 -27.02 7.62 29.97
N MET A 251 -27.57 6.52 30.52
CA MET A 251 -28.28 5.53 29.70
C MET A 251 -29.54 6.09 29.03
N LYS A 252 -29.35 6.67 27.83
CA LYS A 252 -30.42 7.18 26.96
C LYS A 252 -30.55 6.41 25.64
N LYS A 253 -31.20 7.07 24.68
CA LYS A 253 -31.40 6.61 23.29
C LYS A 253 -32.34 5.40 23.34
N LEU A 254 -32.05 4.32 22.63
CA LEU A 254 -32.95 3.17 22.58
C LEU A 254 -32.83 2.35 23.85
N GLN A 255 -33.97 1.86 24.34
CA GLN A 255 -34.10 0.99 25.50
C GLN A 255 -33.63 -0.43 25.22
N PRO A 256 -33.72 -0.94 23.97
CA PRO A 256 -33.04 -2.22 23.68
C PRO A 256 -31.55 -2.13 23.95
N THR A 257 -30.92 -1.08 23.42
CA THR A 257 -29.50 -0.78 23.70
C THR A 257 -29.22 -0.63 25.19
N VAL A 258 -30.20 -0.17 25.99
CA VAL A 258 -29.97 0.11 27.41
C VAL A 258 -29.48 -1.14 28.11
N ARG A 259 -30.21 -2.25 27.96
CA ARG A 259 -29.77 -3.53 28.49
C ARG A 259 -28.58 -4.07 27.69
N THR A 260 -28.60 -3.86 26.36
CA THR A 260 -27.66 -4.51 25.45
C THR A 260 -26.19 -4.20 25.75
N TYR A 261 -25.40 -5.27 25.90
CA TYR A 261 -23.94 -5.24 26.07
C TYR A 261 -23.49 -4.31 27.18
N VAL A 262 -24.39 -3.91 28.09
CA VAL A 262 -23.98 -2.88 29.04
C VAL A 262 -24.34 -3.22 30.48
N GLU A 263 -25.64 -3.43 30.75
CA GLU A 263 -26.09 -3.51 32.15
C GLU A 263 -25.33 -4.57 32.93
N ASN A 264 -25.10 -5.74 32.32
CA ASN A 264 -24.23 -6.74 32.93
C ASN A 264 -22.93 -6.95 32.17
N ARG A 265 -22.57 -6.08 31.21
CA ARG A 265 -21.22 -6.22 30.70
C ARG A 265 -20.29 -6.05 31.88
N PRO A 266 -19.20 -6.84 31.98
CA PRO A 266 -18.42 -6.87 33.23
C PRO A 266 -18.06 -5.48 33.70
N LYS A 267 -18.47 -5.12 34.93
CA LYS A 267 -18.32 -3.75 35.38
C LYS A 267 -16.86 -3.30 35.31
N TYR A 268 -16.65 -2.09 34.82
CA TYR A 268 -15.32 -1.51 34.67
C TYR A 268 -15.28 -0.17 35.40
N ALA A 269 -14.26 0.01 36.24
CA ALA A 269 -13.86 1.32 36.73
C ALA A 269 -12.58 1.67 36.01
N GLY A 270 -12.57 2.80 35.31
CA GLY A 270 -11.39 3.19 34.57
C GLY A 270 -10.22 3.56 35.46
N TYR A 271 -9.10 3.86 34.83
CA TYR A 271 -7.92 4.28 35.55
C TYR A 271 -7.89 5.80 35.57
N SER A 272 -7.11 6.36 36.49
CA SER A 272 -6.94 7.81 36.51
C SER A 272 -6.16 8.30 35.30
N PHE A 273 -6.34 9.58 34.96
CA PHE A 273 -5.55 10.15 33.85
C PHE A 273 -4.10 10.38 34.25
N GLU A 274 -3.81 10.50 35.54
CA GLU A 274 -2.41 10.42 35.97
C GLU A 274 -1.84 9.05 35.63
N LYS A 275 -2.68 8.02 35.65
CA LYS A 275 -2.29 6.66 35.32
C LYS A 275 -2.40 6.34 33.82
N LEU A 276 -3.37 6.93 33.09
CA LEU A 276 -3.48 6.72 31.65
C LEU A 276 -2.35 7.41 30.88
N PHE A 277 -2.02 8.64 31.25
CA PHE A 277 -1.00 9.45 30.59
C PHE A 277 0.03 9.87 31.62
N PRO A 278 0.90 8.96 32.04
CA PRO A 278 1.90 9.29 33.09
C PRO A 278 2.98 10.22 32.58
N ASP A 279 3.66 10.87 33.54
CA ASP A 279 4.69 11.85 33.22
C ASP A 279 5.82 11.25 32.41
N VAL A 280 5.86 9.92 32.28
CA VAL A 280 6.80 9.25 31.38
C VAL A 280 6.59 9.73 29.96
N LEU A 281 5.32 9.86 29.55
CA LEU A 281 4.97 10.20 28.17
C LEU A 281 5.37 11.61 27.79
N PHE A 282 5.30 12.57 28.74
CA PHE A 282 5.69 13.98 28.62
C PHE A 282 7.15 14.20 29.03
N PRO A 283 7.77 15.29 28.57
CA PRO A 283 9.09 15.66 29.09
C PRO A 283 9.04 16.59 30.29
N ALA A 284 9.59 16.20 31.45
CA ALA A 284 9.68 17.08 32.62
C ALA A 284 10.99 17.88 32.57
N ASP A 285 11.19 18.56 31.43
CA ASP A 285 12.40 19.34 31.20
C ASP A 285 12.53 20.50 32.21
N SER A 286 11.47 21.29 32.38
CA SER A 286 11.55 22.52 33.15
C SER A 286 10.37 22.55 34.10
N GLU A 287 10.19 23.70 34.74
CA GLU A 287 8.92 24.01 35.38
C GLU A 287 7.84 24.22 34.33
N HIS A 288 8.23 24.85 33.21
CA HIS A 288 7.29 25.10 32.11
C HIS A 288 6.77 23.80 31.49
N ASN A 289 7.62 22.77 31.42
CA ASN A 289 7.17 21.48 30.89
C ASN A 289 6.35 20.70 31.92
N LYS A 290 6.67 20.85 33.22
CA LYS A 290 5.84 20.29 34.28
C LYS A 290 4.46 20.94 34.27
N LEU A 291 4.39 22.23 33.95
CA LEU A 291 3.10 22.90 33.90
C LEU A 291 2.31 22.50 32.66
N LYS A 292 3.01 22.25 31.53
CA LYS A 292 2.28 21.92 30.29
C LYS A 292 1.81 20.47 30.33
N ALA A 293 2.60 19.58 30.95
CA ALA A 293 2.13 18.22 31.13
C ALA A 293 0.85 18.19 31.94
N SER A 294 0.84 18.91 33.07
CA SER A 294 -0.35 19.07 33.90
C SER A 294 -1.54 19.62 33.12
N GLN A 295 -1.37 20.72 32.37
CA GLN A 295 -2.49 21.33 31.65
C GLN A 295 -3.07 20.36 30.61
N ALA A 296 -2.18 19.73 29.82
CA ALA A 296 -2.60 18.82 28.74
C ALA A 296 -3.39 17.65 29.29
N ARG A 297 -2.83 16.96 30.28
CA ARG A 297 -3.56 15.86 30.92
C ARG A 297 -4.90 16.33 31.46
N ASP A 298 -5.04 17.61 31.77
CA ASP A 298 -6.33 18.10 32.24
C ASP A 298 -7.29 18.29 31.07
N LEU A 299 -6.78 18.86 29.97
CA LEU A 299 -7.56 19.00 28.75
C LEU A 299 -8.11 17.64 28.27
N LEU A 300 -7.26 16.62 28.23
CA LEU A 300 -7.71 15.26 27.91
C LEU A 300 -8.86 14.85 28.81
N SER A 301 -8.67 15.03 30.11
CA SER A 301 -9.68 14.68 31.09
C SER A 301 -11.05 15.23 30.69
N LYS A 302 -11.09 16.33 29.91
CA LYS A 302 -12.37 16.94 29.57
C LYS A 302 -12.90 16.57 28.18
N MET A 303 -12.04 16.03 27.32
CA MET A 303 -12.45 15.59 26.00
C MET A 303 -12.70 14.09 25.93
N LEU A 304 -11.88 13.31 26.63
CA LEU A 304 -12.08 11.86 26.69
C LEU A 304 -13.08 11.51 27.77
N VAL A 305 -14.31 12.01 27.63
CA VAL A 305 -15.38 11.67 28.56
C VAL A 305 -16.55 11.11 27.76
N ILE A 306 -17.07 9.97 28.23
CA ILE A 306 -18.10 9.23 27.51
C ILE A 306 -19.41 10.03 27.42
N ASP A 307 -19.88 10.58 28.55
CA ASP A 307 -21.15 11.31 28.56
C ASP A 307 -20.95 12.73 28.02
N ALA A 308 -21.61 13.06 26.91
CA ALA A 308 -21.40 14.35 26.24
C ALA A 308 -22.00 15.52 27.02
N SER A 309 -23.00 15.26 27.86
CA SER A 309 -23.35 16.17 28.95
C SER A 309 -22.08 16.78 29.53
N LYS A 310 -21.15 15.93 29.94
CA LYS A 310 -19.94 16.33 30.67
C LYS A 310 -18.71 16.54 29.78
N ARG A 311 -18.86 16.57 28.46
CA ARG A 311 -17.73 16.75 27.55
C ARG A 311 -17.57 18.21 27.16
N ILE A 312 -16.32 18.64 27.04
CA ILE A 312 -16.09 20.04 26.79
C ILE A 312 -16.65 20.46 25.42
N SER A 313 -16.81 21.76 25.26
CA SER A 313 -17.23 22.31 23.98
C SER A 313 -15.98 22.62 23.16
N VAL A 314 -16.16 22.86 21.86
CA VAL A 314 -15.03 23.31 21.04
C VAL A 314 -14.56 24.69 21.48
N ASP A 315 -15.50 25.59 21.72
CA ASP A 315 -15.16 26.94 22.15
C ASP A 315 -14.43 26.95 23.49
N GLU A 316 -14.88 26.13 24.42
CA GLU A 316 -14.18 25.98 25.70
C GLU A 316 -12.80 25.34 25.52
N ALA A 317 -12.67 24.35 24.63
CA ALA A 317 -11.35 23.76 24.41
C ALA A 317 -10.39 24.74 23.77
N LEU A 318 -10.89 25.66 22.93
CA LEU A 318 -10.05 26.71 22.34
C LEU A 318 -9.62 27.76 23.36
N GLN A 319 -10.38 27.93 24.46
CA GLN A 319 -10.00 28.85 25.52
C GLN A 319 -9.33 28.12 26.68
N HIS A 320 -8.80 26.93 26.40
CA HIS A 320 -8.13 26.16 27.45
C HIS A 320 -6.67 26.59 27.60
N PRO A 321 -6.17 26.64 28.84
CA PRO A 321 -4.75 26.97 29.07
C PRO A 321 -3.76 26.26 28.15
N TYR A 322 -3.93 24.96 27.90
CA TYR A 322 -2.99 24.25 27.03
C TYR A 322 -3.06 24.81 25.61
N ILE A 323 -4.22 25.32 25.19
CA ILE A 323 -4.45 25.64 23.79
C ILE A 323 -4.51 27.14 23.54
N ASN A 324 -4.88 27.98 24.53
CA ASN A 324 -5.17 29.36 24.21
C ASN A 324 -3.94 30.23 24.16
N VAL A 325 -2.75 29.65 24.26
CA VAL A 325 -1.54 30.42 24.00
C VAL A 325 -1.55 31.00 22.59
N TRP A 326 -2.14 30.29 21.63
CA TRP A 326 -2.12 30.67 20.22
C TRP A 326 -3.31 31.50 19.77
N TYR A 327 -4.16 31.96 20.70
CA TYR A 327 -5.43 32.54 20.30
C TYR A 327 -5.18 33.82 19.50
N ASP A 328 -5.95 33.98 18.40
CA ASP A 328 -5.94 35.20 17.62
C ASP A 328 -7.24 35.29 16.84
N PRO A 329 -7.90 36.44 16.82
CA PRO A 329 -9.23 36.54 16.16
C PRO A 329 -9.24 36.27 14.66
N SER A 330 -8.23 36.70 13.89
CA SER A 330 -8.02 36.30 12.50
C SER A 330 -8.57 34.92 12.11
N GLU A 331 -8.06 33.84 12.70
CA GLU A 331 -8.45 32.50 12.29
C GLU A 331 -9.50 31.87 13.19
N ALA A 332 -9.73 32.41 14.38
CA ALA A 332 -10.75 31.87 15.28
C ALA A 332 -12.13 32.46 15.04
N GLU A 333 -12.23 33.63 14.41
CA GLU A 333 -13.51 34.21 14.03
C GLU A 333 -13.46 34.55 12.52
N ALA A 334 -13.68 33.54 11.69
CA ALA A 334 -13.70 33.67 10.23
C ALA A 334 -15.13 33.85 9.75
N PRO A 335 -15.33 34.27 8.49
CA PRO A 335 -16.72 34.44 7.95
C PRO A 335 -17.33 33.11 7.53
N PRO A 336 -18.47 32.74 8.12
CA PRO A 336 -18.91 31.35 8.05
C PRO A 336 -19.29 30.99 6.62
N PRO A 337 -19.23 29.70 6.26
CA PRO A 337 -19.42 29.32 4.85
C PRO A 337 -20.88 29.45 4.45
N LYS A 338 -21.08 29.61 3.14
CA LYS A 338 -22.43 29.78 2.58
C LYS A 338 -22.74 28.56 1.73
N ILE A 339 -23.21 27.50 2.39
CA ILE A 339 -23.56 26.25 1.73
C ILE A 339 -24.76 26.49 0.81
N PRO A 340 -24.61 26.42 -0.51
CA PRO A 340 -25.74 26.81 -1.38
C PRO A 340 -26.94 25.88 -1.28
N ASP A 341 -26.71 24.59 -1.00
CA ASP A 341 -27.74 23.56 -0.87
C ASP A 341 -28.04 23.30 0.60
N LYS A 342 -29.32 23.32 0.97
CA LYS A 342 -29.67 23.11 2.38
C LYS A 342 -30.13 21.69 2.72
N GLN A 343 -30.83 21.05 1.81
CA GLN A 343 -31.25 19.66 1.88
C GLN A 343 -30.10 18.67 1.63
N LEU A 344 -28.90 19.23 1.37
CA LEU A 344 -27.66 18.46 1.03
C LEU A 344 -27.51 17.18 1.86
N ASP A 345 -27.74 17.27 3.17
CA ASP A 345 -27.63 16.13 4.07
C ASP A 345 -28.86 15.25 4.02
N GLU A 346 -29.92 15.63 3.31
CA GLU A 346 -31.15 14.87 3.34
C GLU A 346 -31.66 14.47 1.98
N ARG A 347 -30.99 14.92 0.93
CA ARG A 347 -31.27 14.47 -0.43
C ARG A 347 -31.14 12.94 -0.50
N GLU A 348 -32.08 12.30 -1.19
CA GLU A 348 -32.02 10.86 -1.47
C GLU A 348 -32.47 10.61 -2.90
N HIS A 349 -31.55 10.10 -3.74
CA HIS A 349 -31.75 9.91 -5.17
C HIS A 349 -31.48 8.48 -5.61
N THR A 350 -31.70 8.25 -6.90
CA THR A 350 -31.26 7.02 -7.55
C THR A 350 -29.89 7.26 -8.16
N ILE A 351 -29.21 6.16 -8.53
CA ILE A 351 -27.83 6.25 -8.96
C ILE A 351 -27.75 7.14 -10.20
N GLU A 352 -28.79 7.10 -11.05
CA GLU A 352 -28.80 7.93 -12.24
C GLU A 352 -29.01 9.40 -11.89
N GLU A 353 -29.82 9.69 -10.86
CA GLU A 353 -29.97 11.08 -10.44
C GLU A 353 -28.67 11.61 -9.84
N TRP A 354 -28.03 10.83 -8.98
CA TRP A 354 -26.75 11.20 -8.40
C TRP A 354 -25.71 11.48 -9.47
N LYS A 355 -25.62 10.59 -10.47
CA LYS A 355 -24.69 10.76 -11.58
C LYS A 355 -24.84 12.13 -12.23
N GLU A 356 -26.05 12.44 -12.76
CA GLU A 356 -26.30 13.77 -13.32
C GLU A 356 -26.15 14.87 -12.26
N LEU A 357 -26.46 14.56 -11.01
CA LEU A 357 -26.26 15.53 -9.93
C LEU A 357 -24.78 15.83 -9.74
N ILE A 358 -23.93 14.78 -9.70
CA ILE A 358 -22.51 15.02 -9.57
C ILE A 358 -21.93 15.64 -10.84
N TYR A 359 -22.46 15.25 -12.01
CA TYR A 359 -21.88 15.75 -13.25
C TYR A 359 -21.97 17.26 -13.36
N LYS A 360 -23.17 17.83 -13.19
CA LYS A 360 -23.29 19.27 -13.38
C LYS A 360 -22.64 20.05 -12.25
N GLU A 361 -22.25 19.40 -11.15
CA GLU A 361 -21.38 20.04 -10.18
C GLU A 361 -19.97 20.24 -10.73
N VAL A 362 -19.44 19.22 -11.42
CA VAL A 362 -18.14 19.30 -12.08
C VAL A 362 -18.16 20.32 -13.22
N MET A 363 -19.32 20.52 -13.87
CA MET A 363 -19.42 21.17 -15.18
C MET A 363 -19.99 22.60 -15.16
N ASP A 364 -20.02 23.27 -14.02
CA ASP A 364 -20.47 24.67 -14.05
C ASP A 364 -19.38 25.64 -13.58
N ASP B 4 -3.13 52.54 11.68
CA ASP B 4 -3.07 52.99 13.07
C ASP B 4 -2.67 51.83 13.99
N LYS B 5 -2.12 50.77 13.39
CA LYS B 5 -1.72 49.52 14.04
C LYS B 5 -0.20 49.38 13.98
N PRO B 6 0.54 49.86 15.02
CA PRO B 6 2.01 50.00 14.88
C PRO B 6 2.86 48.75 14.91
N PHE B 7 2.50 47.68 15.62
CA PHE B 7 3.39 46.54 15.79
C PHE B 7 3.33 45.54 14.61
N LEU B 8 4.46 45.38 13.90
CA LEU B 8 4.48 44.74 12.58
C LEU B 8 5.31 43.46 12.62
N CYS B 9 4.76 42.39 12.03
CA CYS B 9 5.51 41.17 11.78
C CYS B 9 6.38 41.37 10.56
N THR B 10 7.58 40.77 10.60
CA THR B 10 8.60 40.98 9.59
C THR B 10 8.76 39.81 8.61
N ALA B 11 7.87 38.82 8.68
CA ALA B 11 8.04 37.63 7.85
C ALA B 11 7.86 37.97 6.37
N PRO B 12 8.69 37.41 5.49
CA PRO B 12 8.55 37.71 4.06
C PRO B 12 7.21 37.21 3.55
N GLY B 13 6.48 38.10 2.90
CA GLY B 13 5.15 37.78 2.40
C GLY B 13 4.01 37.94 3.38
N CYS B 14 4.26 38.42 4.59
CA CYS B 14 3.23 38.66 5.59
C CYS B 14 3.35 40.12 6.00
N GLY B 15 2.28 40.87 5.79
CA GLY B 15 2.31 42.28 6.09
C GLY B 15 1.51 42.52 7.35
N ARG B 16 1.39 41.47 8.15
CA ARG B 16 0.45 41.47 9.26
C ARG B 16 0.94 42.40 10.35
N ARG B 17 0.00 43.04 11.01
CA ARG B 17 0.26 44.07 11.99
C ARG B 17 -0.54 43.78 13.24
N PHE B 18 0.02 44.15 14.38
CA PHE B 18 -0.64 43.92 15.65
C PHE B 18 -0.71 45.21 16.45
N THR B 19 -1.83 45.42 17.13
CA THR B 19 -1.96 46.57 18.01
C THR B 19 -1.41 46.28 19.39
N ASN B 20 -1.17 45.01 19.71
CA ASN B 20 -0.70 44.55 21.02
C ASN B 20 0.66 43.87 20.90
N GLU B 21 1.55 44.16 21.87
CA GLU B 21 2.89 43.57 21.85
C GLU B 21 2.85 42.05 22.00
N ASP B 22 2.11 41.57 23.01
CA ASP B 22 2.04 40.13 23.25
C ASP B 22 1.46 39.40 22.06
N HIS B 23 0.45 40.00 21.43
CA HIS B 23 -0.22 39.35 20.31
C HIS B 23 0.73 39.12 19.13
N LEU B 24 1.63 40.07 18.87
CA LEU B 24 2.66 39.87 17.85
C LEU B 24 3.64 38.78 18.27
N ALA B 25 3.88 38.63 19.57
CA ALA B 25 4.84 37.66 20.06
C ALA B 25 4.47 36.24 19.63
N VAL B 26 3.20 35.86 19.83
CA VAL B 26 2.84 34.51 19.40
C VAL B 26 2.81 34.42 17.88
N HIS B 27 2.46 35.51 17.19
CA HIS B 27 2.47 35.47 15.73
C HIS B 27 3.86 35.22 15.17
N LYS B 28 4.90 35.85 15.75
CA LYS B 28 6.25 35.58 15.22
C LYS B 28 6.67 34.16 15.51
N ARG B 29 6.27 33.67 16.69
CA ARG B 29 6.61 32.28 17.11
C ARG B 29 5.92 31.27 16.17
N LYS B 30 4.76 31.65 15.63
CA LYS B 30 4.02 30.78 14.74
C LYS B 30 4.73 30.59 13.40
N HIS B 31 5.38 31.65 12.90
CA HIS B 31 6.22 31.58 11.70
C HIS B 31 7.44 30.71 11.93
N GLU B 32 7.98 30.68 13.16
CA GLU B 32 9.22 29.98 13.44
C GLU B 32 9.05 28.48 13.59
N MET B 33 7.81 27.98 13.63
CA MET B 33 7.63 26.57 13.87
C MET B 33 7.91 25.70 12.65
N THR B 34 8.28 24.46 12.92
CA THR B 34 8.62 23.42 11.96
C THR B 34 8.23 22.09 12.57
N LEU B 35 8.00 21.08 11.72
CA LEU B 35 7.91 19.71 12.19
C LEU B 35 8.48 18.78 11.14
N LYS B 36 8.96 17.63 11.61
CA LYS B 36 9.57 16.61 10.79
C LYS B 36 8.71 15.35 10.84
N PHE B 37 8.75 14.57 9.77
CA PHE B 37 7.88 13.42 9.63
C PHE B 37 8.59 12.33 8.84
N GLY B 38 8.05 11.13 8.95
CA GLY B 38 8.54 10.00 8.21
C GLY B 38 7.40 9.33 7.48
N PRO B 39 7.50 9.22 6.15
CA PRO B 39 6.45 8.58 5.33
C PRO B 39 6.12 7.13 5.72
N SER C 6 6.77 2.70 28.09
CA SER C 6 6.38 2.56 26.69
C SER C 6 6.41 3.94 25.97
N LYS C 7 7.61 4.48 25.71
CA LYS C 7 7.68 5.72 24.95
C LYS C 7 7.34 5.50 23.47
N ARG C 8 8.00 4.52 22.85
CA ARG C 8 7.79 4.09 21.48
C ARG C 8 6.99 2.77 21.41
N ASP C 9 6.78 2.09 22.55
CA ASP C 9 6.18 0.77 22.58
C ASP C 9 4.65 0.77 22.55
N ASN C 10 3.99 1.91 22.64
CA ASN C 10 2.54 1.93 22.44
C ASN C 10 2.14 1.96 20.96
N ASN C 11 3.09 1.98 20.03
CA ASN C 11 2.84 1.94 18.57
C ASN C 11 2.88 0.52 18.01
N PHE C 12 3.25 -0.46 18.85
CA PHE C 12 3.37 -1.86 18.49
C PHE C 12 2.46 -2.72 19.37
N TYR C 13 2.04 -3.88 18.84
CA TYR C 13 1.40 -4.95 19.62
C TYR C 13 1.87 -6.31 19.09
N SER C 14 1.63 -7.36 19.89
CA SER C 14 2.16 -8.69 19.62
C SER C 14 1.01 -9.68 19.50
N VAL C 15 1.03 -10.51 18.44
CA VAL C 15 -0.01 -11.51 18.18
C VAL C 15 0.66 -12.84 17.91
N GLU C 16 0.04 -13.92 18.38
CA GLU C 16 0.61 -15.27 18.30
C GLU C 16 0.05 -16.04 17.11
N ILE C 17 0.96 -16.55 16.28
CA ILE C 17 0.66 -17.40 15.13
C ILE C 17 1.51 -18.67 15.22
N GLY C 18 0.94 -19.78 15.69
CA GLY C 18 1.76 -20.96 15.94
C GLY C 18 2.73 -20.69 17.09
N ASP C 19 4.00 -21.05 16.93
CA ASP C 19 5.00 -20.63 17.91
C ASP C 19 5.42 -19.19 17.67
N SER C 20 5.16 -18.68 16.47
CA SER C 20 5.55 -17.33 16.12
C SER C 20 4.69 -16.34 16.90
N THR C 21 5.30 -15.28 17.35
CA THR C 21 4.53 -14.12 17.73
C THR C 21 4.98 -12.98 16.84
N PHE C 22 4.01 -12.31 16.24
CA PHE C 22 4.26 -11.14 15.41
C PHE C 22 4.09 -9.92 16.29
N THR C 23 5.14 -9.12 16.41
CA THR C 23 5.04 -7.80 17.03
C THR C 23 5.00 -6.74 15.93
N VAL C 24 3.79 -6.22 15.59
CA VAL C 24 3.63 -5.31 14.44
C VAL C 24 3.03 -3.96 14.88
N LEU C 25 3.20 -2.97 14.01
CA LEU C 25 2.64 -1.63 14.20
C LEU C 25 1.11 -1.70 14.29
N LYS C 26 0.49 -0.89 15.18
CA LYS C 26 -0.94 -1.09 15.49
C LYS C 26 -1.83 -0.78 14.30
N ARG C 27 -1.31 -0.12 13.29
CA ARG C 27 -2.04 0.01 12.03
C ARG C 27 -2.37 -1.35 11.42
N TYR C 28 -1.54 -2.39 11.68
CA TYR C 28 -1.75 -3.73 11.10
C TYR C 28 -2.58 -4.59 12.06
N GLN C 29 -3.86 -4.82 11.72
CA GLN C 29 -4.80 -5.59 12.52
C GLN C 29 -5.27 -6.83 11.75
N ASN C 30 -5.82 -7.78 12.51
CA ASN C 30 -6.41 -9.02 11.97
C ASN C 30 -5.38 -9.86 11.21
N LEU C 31 -4.19 -10.00 11.79
CA LEU C 31 -3.22 -10.86 11.15
C LEU C 31 -3.80 -12.26 11.06
N LYS C 32 -3.50 -12.94 9.96
CA LYS C 32 -4.10 -14.25 9.71
C LYS C 32 -3.06 -15.06 8.93
N PRO C 33 -2.81 -16.31 9.31
CA PRO C 33 -1.98 -17.18 8.46
C PRO C 33 -2.48 -17.24 7.03
N ILE C 34 -1.59 -17.02 6.07
CA ILE C 34 -1.93 -17.16 4.67
C ILE C 34 -0.93 -18.01 3.91
N GLY C 35 0.13 -18.47 4.55
CA GLY C 35 1.05 -19.35 3.89
C GLY C 35 2.28 -19.49 4.71
N SER C 36 3.13 -20.43 4.29
CA SER C 36 4.34 -20.77 5.05
C SER C 36 5.44 -21.22 4.11
N GLY C 37 6.66 -21.16 4.61
CA GLY C 37 7.82 -21.58 3.86
C GLY C 37 8.89 -21.99 4.85
N ALA C 38 10.15 -22.10 4.42
CA ALA C 38 11.20 -22.47 5.35
C ALA C 38 11.59 -21.31 6.27
N GLN C 39 11.26 -20.08 5.91
CA GLN C 39 11.49 -18.92 6.76
C GLN C 39 10.32 -18.60 7.68
N GLY C 40 9.29 -19.45 7.69
CA GLY C 40 8.17 -19.25 8.58
C GLY C 40 6.93 -18.79 7.85
N ILE C 41 5.99 -18.23 8.66
CA ILE C 41 4.64 -17.85 8.22
C ILE C 41 4.63 -16.45 7.64
N VAL C 42 3.75 -16.29 6.64
CA VAL C 42 3.36 -15.01 6.05
C VAL C 42 1.90 -14.77 6.44
N CYS C 43 1.54 -13.53 6.74
CA CYS C 43 0.18 -13.22 7.13
C CYS C 43 -0.44 -12.20 6.20
N ALA C 44 -1.75 -12.33 6.04
CA ALA C 44 -2.65 -11.25 5.68
C ALA C 44 -2.89 -10.35 6.90
N ALA C 45 -2.98 -9.04 6.66
CA ALA C 45 -3.38 -8.09 7.71
C ALA C 45 -4.22 -6.99 7.11
N TYR C 46 -4.88 -6.24 7.97
CA TYR C 46 -5.55 -5.03 7.51
C TYR C 46 -4.73 -3.83 7.94
N ASP C 47 -4.37 -3.01 6.96
CA ASP C 47 -3.66 -1.75 7.16
C ASP C 47 -4.75 -0.71 7.42
N ALA C 48 -4.91 -0.32 8.68
CA ALA C 48 -6.01 0.58 9.02
C ALA C 48 -5.76 2.00 8.51
N ILE C 49 -4.49 2.39 8.33
CA ILE C 49 -4.16 3.71 7.75
C ILE C 49 -4.42 3.72 6.25
N LEU C 50 -3.78 2.81 5.50
CA LEU C 50 -4.08 2.71 4.06
C LEU C 50 -5.47 2.15 3.81
N GLU C 51 -6.10 1.55 4.82
CA GLU C 51 -7.42 0.94 4.67
C GLU C 51 -7.42 -0.04 3.50
N ARG C 52 -6.49 -0.99 3.56
CA ARG C 52 -6.33 -2.02 2.53
C ARG C 52 -5.66 -3.23 3.16
N ASN C 53 -5.66 -4.34 2.42
CA ASN C 53 -5.02 -5.56 2.93
C ASN C 53 -3.58 -5.63 2.45
N VAL C 54 -2.79 -6.39 3.20
CA VAL C 54 -1.34 -6.42 3.04
C VAL C 54 -0.88 -7.82 3.38
N ALA C 55 0.28 -8.21 2.84
CA ALA C 55 0.98 -9.37 3.39
C ALA C 55 2.13 -8.89 4.30
N ILE C 56 2.38 -9.66 5.37
CA ILE C 56 3.43 -9.33 6.31
C ILE C 56 4.31 -10.54 6.47
N LYS C 57 5.59 -10.39 6.18
CA LYS C 57 6.53 -11.49 6.33
C LYS C 57 7.53 -11.15 7.42
N LYS C 58 7.73 -12.06 8.35
CA LYS C 58 8.67 -11.86 9.45
C LYS C 58 9.98 -12.59 9.21
N LEU C 59 11.09 -11.89 9.32
CA LEU C 59 12.42 -12.49 9.33
C LEU C 59 12.97 -12.47 10.75
N SER C 60 13.20 -13.64 11.29
CA SER C 60 13.76 -13.76 12.64
C SER C 60 15.27 -13.90 12.53
N ARG C 61 15.99 -12.95 13.11
CA ARG C 61 17.45 -12.84 13.09
C ARG C 61 18.01 -13.16 11.72
N PRO C 62 17.87 -12.21 10.78
CA PRO C 62 18.52 -12.36 9.48
C PRO C 62 20.03 -12.36 9.56
N PHE C 63 20.59 -12.00 10.71
CA PHE C 63 22.02 -11.92 10.93
C PHE C 63 22.52 -13.04 11.85
N GLN C 64 21.75 -14.13 11.94
CA GLN C 64 22.21 -15.35 12.60
C GLN C 64 23.60 -15.80 12.11
N ASN C 65 23.76 -15.95 10.79
CA ASN C 65 25.04 -16.30 10.15
C ASN C 65 25.32 -15.32 9.01
N GLN C 66 26.44 -15.57 8.31
CA GLN C 66 26.93 -14.60 7.34
C GLN C 66 26.21 -14.71 5.99
N THR C 67 25.84 -15.92 5.53
CA THR C 67 25.12 -15.94 4.26
C THR C 67 23.71 -15.40 4.39
N HIS C 68 23.01 -15.72 5.49
CA HIS C 68 21.67 -15.19 5.70
C HIS C 68 21.69 -13.66 5.77
N ALA C 69 22.70 -13.11 6.43
CA ALA C 69 22.83 -11.66 6.46
C ALA C 69 22.96 -11.11 5.05
N LYS C 70 23.79 -11.75 4.23
CA LYS C 70 23.99 -11.27 2.87
C LYS C 70 22.70 -11.34 2.07
N ARG C 71 21.90 -12.41 2.26
CA ARG C 71 20.69 -12.58 1.45
C ARG C 71 19.58 -11.65 1.90
N ALA C 72 19.51 -11.37 3.21
CA ALA C 72 18.47 -10.47 3.71
C ALA C 72 18.72 -9.06 3.22
N TYR C 73 19.96 -8.55 3.38
CA TYR C 73 20.26 -7.21 2.90
C TYR C 73 20.05 -7.11 1.40
N ARG C 74 20.32 -8.19 0.67
CA ARG C 74 20.12 -8.12 -0.77
C ARG C 74 18.63 -8.03 -1.09
N GLU C 75 17.82 -8.91 -0.47
CA GLU C 75 16.39 -8.90 -0.76
C GLU C 75 15.74 -7.58 -0.37
N LEU C 76 16.32 -6.85 0.59
CA LEU C 76 15.75 -5.60 1.05
C LEU C 76 16.03 -4.44 0.09
N VAL C 77 17.31 -4.12 -0.15
CA VAL C 77 17.62 -3.00 -1.01
C VAL C 77 17.09 -3.24 -2.42
N LEU C 78 16.96 -4.51 -2.85
CA LEU C 78 16.39 -4.76 -4.18
C LEU C 78 14.87 -4.57 -4.19
N MET C 79 14.14 -5.11 -3.20
CA MET C 79 12.69 -4.87 -3.09
C MET C 79 12.36 -3.39 -2.96
N LYS C 80 13.19 -2.57 -2.32
CA LYS C 80 12.86 -1.16 -2.26
C LYS C 80 12.92 -0.52 -3.64
N CYS C 81 13.73 -1.06 -4.56
CA CYS C 81 14.08 -0.33 -5.78
C CYS C 81 13.70 -1.04 -7.08
N VAL C 82 12.98 -2.16 -7.01
CA VAL C 82 12.42 -2.81 -8.19
C VAL C 82 10.92 -2.61 -8.15
N ASN C 83 10.40 -1.83 -9.11
CA ASN C 83 8.97 -1.59 -9.23
C ASN C 83 8.50 -2.16 -10.56
N HIS C 84 7.87 -3.33 -10.52
CA HIS C 84 7.29 -3.89 -11.71
C HIS C 84 5.94 -4.47 -11.34
N LYS C 85 5.01 -4.38 -12.30
CA LYS C 85 3.67 -4.94 -12.09
C LYS C 85 3.77 -6.42 -11.73
N ASN C 86 4.79 -7.11 -12.25
CA ASN C 86 4.93 -8.55 -12.05
C ASN C 86 6.09 -8.89 -11.11
N ILE C 87 6.53 -7.91 -10.32
CA ILE C 87 7.43 -8.13 -9.20
C ILE C 87 6.77 -7.61 -7.94
N ILE C 88 6.93 -8.37 -6.84
CA ILE C 88 6.29 -8.03 -5.58
C ILE C 88 6.82 -6.69 -5.10
N GLY C 89 5.92 -5.85 -4.59
CA GLY C 89 6.27 -4.51 -4.16
C GLY C 89 6.39 -4.40 -2.65
N LEU C 90 7.42 -3.68 -2.20
CA LEU C 90 7.56 -3.41 -0.76
C LEU C 90 6.69 -2.21 -0.38
N LEU C 91 5.83 -2.41 0.62
CA LEU C 91 4.95 -1.36 1.11
C LEU C 91 5.48 -0.71 2.37
N ASN C 92 6.23 -1.49 3.14
CA ASN C 92 6.71 -1.04 4.43
C ASN C 92 7.64 -2.08 4.99
N VAL C 93 8.57 -1.63 5.81
CA VAL C 93 9.44 -2.56 6.53
C VAL C 93 9.81 -1.90 7.84
N PHE C 94 9.77 -2.66 8.94
CA PHE C 94 9.99 -2.09 10.25
C PHE C 94 10.56 -3.14 11.20
N THR C 95 11.05 -2.65 12.35
CA THR C 95 11.48 -3.57 13.38
C THR C 95 10.88 -3.12 14.70
N PRO C 96 10.40 -4.05 15.52
CA PRO C 96 9.79 -3.64 16.79
C PRO C 96 10.81 -3.29 17.85
N GLN C 97 12.05 -3.75 17.70
CA GLN C 97 13.07 -3.50 18.71
C GLN C 97 13.52 -2.06 18.61
N LYS C 98 13.73 -1.45 19.79
CA LYS C 98 13.95 -0.01 19.86
C LYS C 98 15.39 0.36 19.58
N SER C 99 16.31 -0.58 19.73
CA SER C 99 17.66 -0.23 19.40
C SER C 99 18.44 -1.45 18.91
N LEU C 100 19.67 -1.15 18.48
CA LEU C 100 20.52 -2.09 17.77
C LEU C 100 21.00 -3.18 18.70
N GLU C 101 21.22 -2.82 19.96
CA GLU C 101 21.56 -3.83 20.96
C GLU C 101 20.42 -4.84 21.12
N GLU C 102 19.17 -4.42 20.94
CA GLU C 102 18.03 -5.32 21.08
C GLU C 102 17.52 -5.83 19.74
N PHE C 103 18.07 -5.34 18.63
CA PHE C 103 17.57 -5.64 17.30
C PHE C 103 17.61 -7.14 16.99
N GLN C 104 16.46 -7.68 16.62
CA GLN C 104 16.34 -9.12 16.38
C GLN C 104 15.50 -9.41 15.15
N ASP C 105 14.32 -8.79 15.06
CA ASP C 105 13.32 -9.11 14.04
C ASP C 105 13.21 -8.01 13.00
N VAL C 106 12.93 -8.45 11.75
CA VAL C 106 12.62 -7.57 10.64
C VAL C 106 11.27 -8.03 10.06
N TYR C 107 10.42 -7.07 9.70
CA TYR C 107 9.10 -7.35 9.14
C TYR C 107 8.99 -6.72 7.75
N ILE C 108 8.57 -7.49 6.75
CA ILE C 108 8.38 -6.95 5.42
C ILE C 108 6.89 -6.93 5.11
N VAL C 109 6.36 -5.74 4.83
CA VAL C 109 4.96 -5.59 4.42
C VAL C 109 4.91 -5.40 2.91
N MET C 110 4.28 -6.34 2.23
CA MET C 110 4.21 -6.29 0.76
C MET C 110 2.76 -6.19 0.33
N GLU C 111 2.54 -6.34 -0.96
CA GLU C 111 1.17 -6.37 -1.49
C GLU C 111 0.55 -7.71 -1.08
N LEU C 112 -0.76 -7.74 -0.88
CA LEU C 112 -1.43 -8.99 -0.48
C LEU C 112 -1.96 -9.67 -1.74
N MET C 113 -1.64 -10.94 -1.92
CA MET C 113 -2.12 -11.68 -3.09
C MET C 113 -2.95 -12.89 -2.69
N ASP C 114 -3.62 -13.45 -3.70
CA ASP C 114 -4.69 -14.43 -3.47
C ASP C 114 -4.18 -15.83 -3.21
N ALA C 115 -3.03 -16.19 -3.78
CA ALA C 115 -2.51 -17.57 -3.78
C ALA C 115 -1.16 -17.59 -4.46
N ASN C 116 -0.47 -18.74 -4.38
CA ASN C 116 0.75 -18.97 -5.16
C ASN C 116 0.52 -19.92 -6.33
N LEU C 117 1.54 -19.95 -7.21
CA LEU C 117 1.38 -20.59 -8.51
C LEU C 117 1.17 -22.09 -8.39
N CYS C 118 1.72 -22.71 -7.35
CA CYS C 118 1.45 -24.13 -7.11
C CYS C 118 -0.04 -24.45 -7.03
N GLN C 119 -0.86 -23.54 -6.53
CA GLN C 119 -2.27 -23.88 -6.35
C GLN C 119 -3.10 -23.61 -7.59
N VAL C 120 -2.60 -22.84 -8.55
CA VAL C 120 -3.30 -22.72 -9.81
C VAL C 120 -2.88 -23.82 -10.78
N ILE C 121 -1.59 -24.15 -10.81
CA ILE C 121 -1.11 -25.17 -11.72
C ILE C 121 -1.83 -26.50 -11.50
N GLN C 122 -2.30 -26.76 -10.28
CA GLN C 122 -2.96 -28.02 -9.95
C GLN C 122 -4.29 -28.18 -10.63
N MET C 123 -4.87 -27.10 -11.10
CA MET C 123 -6.12 -27.04 -11.83
C MET C 123 -5.93 -27.64 -13.22
N GLU C 124 -7.00 -27.68 -14.00
CA GLU C 124 -6.85 -27.64 -15.45
C GLU C 124 -7.00 -26.19 -15.88
N LEU C 125 -6.14 -25.73 -16.78
CA LEU C 125 -6.25 -24.34 -17.23
C LEU C 125 -6.20 -24.26 -18.74
N ASP C 126 -6.93 -23.27 -19.24
CA ASP C 126 -7.05 -23.03 -20.66
C ASP C 126 -5.79 -22.32 -21.19
N HIS C 127 -5.73 -22.23 -22.54
CA HIS C 127 -4.63 -21.57 -23.24
C HIS C 127 -4.57 -20.07 -22.96
N GLU C 128 -5.71 -19.43 -22.70
CA GLU C 128 -5.67 -18.00 -22.40
C GLU C 128 -5.04 -17.75 -21.05
N ARG C 129 -5.55 -18.44 -20.02
CA ARG C 129 -4.95 -18.30 -18.69
C ARG C 129 -3.49 -18.75 -18.67
N MET C 130 -3.18 -19.91 -19.30
CA MET C 130 -1.80 -20.39 -19.29
C MET C 130 -0.83 -19.39 -19.94
N SER C 131 -1.15 -18.93 -21.15
CA SER C 131 -0.22 -18.01 -21.81
C SER C 131 -0.14 -16.68 -21.07
N TYR C 132 -1.28 -16.18 -20.57
CA TYR C 132 -1.25 -14.91 -19.84
C TYR C 132 -0.35 -15.00 -18.62
N LEU C 133 -0.44 -16.10 -17.88
CA LEU C 133 0.45 -16.28 -16.75
C LEU C 133 1.91 -16.29 -17.20
N LEU C 134 2.26 -17.13 -18.18
CA LEU C 134 3.68 -17.21 -18.56
C LEU C 134 4.17 -15.88 -19.09
N TYR C 135 3.37 -15.24 -19.93
CA TYR C 135 3.71 -13.92 -20.40
C TYR C 135 4.04 -12.98 -19.24
N GLN C 136 3.24 -13.02 -18.16
CA GLN C 136 3.49 -12.13 -17.00
C GLN C 136 4.78 -12.49 -16.29
N MET C 137 5.06 -13.77 -16.09
CA MET C 137 6.35 -14.15 -15.54
C MET C 137 7.46 -13.73 -16.48
N LEU C 138 7.26 -13.98 -17.79
CA LEU C 138 8.28 -13.61 -18.76
C LEU C 138 8.58 -12.12 -18.71
N CYS C 139 7.59 -11.30 -18.35
CA CYS C 139 7.85 -9.86 -18.29
C CYS C 139 8.56 -9.46 -17.00
N GLY C 140 8.19 -10.10 -15.89
CA GLY C 140 8.90 -9.86 -14.65
C GLY C 140 10.35 -10.30 -14.72
N ILE C 141 10.59 -11.47 -15.35
CA ILE C 141 11.96 -11.95 -15.57
C ILE C 141 12.75 -10.93 -16.39
N LYS C 142 12.15 -10.41 -17.47
CA LYS C 142 12.82 -9.46 -18.35
C LYS C 142 13.19 -8.20 -17.61
N HIS C 143 12.31 -7.75 -16.73
CA HIS C 143 12.61 -6.56 -15.97
C HIS C 143 13.83 -6.78 -15.10
N LEU C 144 13.86 -7.93 -14.41
CA LEU C 144 14.98 -8.27 -13.54
C LEU C 144 16.30 -8.30 -14.31
N HIS C 145 16.29 -8.91 -15.51
CA HIS C 145 17.51 -9.01 -16.29
C HIS C 145 18.01 -7.63 -16.73
N SER C 146 17.08 -6.72 -17.04
CA SER C 146 17.45 -5.32 -17.35
C SER C 146 18.33 -4.68 -16.27
N ALA C 147 18.10 -5.02 -14.98
CA ALA C 147 18.80 -4.42 -13.85
C ALA C 147 20.02 -5.20 -13.38
N GLY C 148 20.37 -6.28 -14.08
CA GLY C 148 21.52 -7.09 -13.75
C GLY C 148 21.24 -8.30 -12.88
N ILE C 149 20.00 -8.72 -12.75
CA ILE C 149 19.59 -9.76 -11.82
C ILE C 149 19.24 -11.02 -12.59
N ILE C 150 20.14 -12.01 -12.58
CA ILE C 150 19.88 -13.33 -13.16
C ILE C 150 19.36 -14.24 -12.05
N HIS C 151 18.06 -14.50 -12.06
CA HIS C 151 17.36 -15.08 -10.90
C HIS C 151 17.91 -16.45 -10.49
N ARG C 152 18.04 -17.39 -11.42
CA ARG C 152 18.65 -18.71 -11.21
C ARG C 152 17.88 -19.66 -10.28
N ASP C 153 16.77 -19.24 -9.67
CA ASP C 153 16.03 -20.14 -8.79
C ASP C 153 14.56 -19.75 -8.70
N LEU C 154 13.89 -19.74 -9.85
CA LEU C 154 12.45 -19.53 -9.93
C LEU C 154 11.74 -20.83 -9.57
N LYS C 155 10.68 -20.72 -8.80
CA LYS C 155 9.82 -21.82 -8.41
C LYS C 155 8.39 -21.32 -8.37
N PRO C 156 7.42 -22.19 -8.67
CA PRO C 156 5.99 -21.78 -8.60
C PRO C 156 5.51 -21.40 -7.20
N SER C 157 6.16 -21.88 -6.15
CA SER C 157 5.74 -21.53 -4.79
C SER C 157 6.26 -20.16 -4.33
N ASN C 158 7.10 -19.49 -5.13
CA ASN C 158 7.56 -18.13 -4.88
C ASN C 158 7.08 -17.23 -5.98
N ILE C 159 5.96 -17.62 -6.60
CA ILE C 159 5.22 -16.76 -7.50
C ILE C 159 3.78 -16.76 -7.01
N VAL C 160 3.22 -15.58 -6.86
CA VAL C 160 1.85 -15.48 -6.38
C VAL C 160 1.01 -14.84 -7.46
N VAL C 161 -0.29 -15.17 -7.45
CA VAL C 161 -1.23 -14.71 -8.47
C VAL C 161 -2.48 -14.16 -7.80
N LYS C 162 -3.22 -13.37 -8.54
CA LYS C 162 -4.46 -12.85 -7.98
C LYS C 162 -5.66 -13.38 -8.78
N SER C 163 -6.85 -13.20 -8.18
CA SER C 163 -8.07 -13.73 -8.79
C SER C 163 -8.33 -13.08 -10.14
N ASP C 164 -7.74 -11.91 -10.38
CA ASP C 164 -7.75 -11.26 -11.69
C ASP C 164 -6.75 -11.88 -12.66
N CYS C 165 -6.15 -13.01 -12.29
CA CYS C 165 -5.16 -13.70 -13.11
C CYS C 165 -3.88 -12.88 -13.23
N THR C 166 -3.67 -11.97 -12.28
CA THR C 166 -2.42 -11.21 -12.16
C THR C 166 -1.37 -12.04 -11.41
N LEU C 167 -0.10 -11.73 -11.65
CA LEU C 167 0.97 -12.59 -11.17
C LEU C 167 2.15 -11.77 -10.68
N LYS C 168 2.73 -12.18 -9.56
CA LYS C 168 3.85 -11.45 -8.98
C LYS C 168 4.88 -12.45 -8.52
N ILE C 169 6.12 -12.20 -8.90
CA ILE C 169 7.26 -12.99 -8.48
C ILE C 169 7.73 -12.50 -7.12
N LEU C 170 7.92 -13.42 -6.18
CA LEU C 170 8.20 -13.01 -4.78
C LEU C 170 9.68 -12.73 -4.49
N ASP C 171 10.61 -13.54 -5.01
CA ASP C 171 12.00 -13.52 -4.60
C ASP C 171 12.87 -12.98 -5.72
N PHE C 172 14.16 -12.77 -5.41
CA PHE C 172 15.13 -12.28 -6.38
C PHE C 172 16.23 -13.28 -6.69
N GLY C 173 16.12 -14.50 -6.20
CA GLY C 173 17.07 -15.51 -6.57
C GLY C 173 18.38 -15.40 -5.81
N LEU C 174 19.34 -16.20 -6.28
CA LEU C 174 20.61 -16.35 -5.59
C LEU C 174 21.49 -15.13 -5.87
N ALA C 175 22.42 -14.88 -4.94
CA ALA C 175 23.37 -13.78 -5.07
C ALA C 175 24.53 -14.17 -5.98
N ARG C 176 25.05 -13.18 -6.73
CA ARG C 176 26.16 -13.43 -7.65
C ARG C 176 27.29 -14.23 -6.99
N THR C 177 27.52 -14.04 -5.67
CA THR C 177 28.57 -14.75 -4.92
C THR C 177 28.27 -16.23 -4.70
N ALA C 178 27.05 -16.68 -5.00
CA ALA C 178 26.62 -18.05 -4.66
C ALA C 178 26.98 -18.97 -5.81
N GLY C 179 27.89 -19.87 -5.58
CA GLY C 179 28.15 -20.89 -6.58
C GLY C 179 27.19 -22.03 -6.48
N THR C 180 27.32 -22.96 -7.44
CA THR C 180 26.58 -24.20 -7.34
C THR C 180 27.50 -25.36 -7.64
N SER C 181 27.23 -26.49 -7.00
CA SER C 181 28.07 -27.67 -7.05
C SER C 181 27.21 -28.87 -7.42
N PHE C 182 27.81 -29.84 -8.12
CA PHE C 182 27.14 -31.11 -8.32
C PHE C 182 27.53 -32.01 -7.16
N MET C 183 26.93 -31.75 -6.00
CA MET C 183 27.28 -32.48 -4.80
C MET C 183 26.18 -32.28 -3.77
N MET C 184 26.02 -33.28 -2.91
CA MET C 184 24.93 -33.26 -1.94
C MET C 184 25.10 -32.11 -0.95
N THR C 185 23.97 -31.49 -0.59
CA THR C 185 23.93 -30.38 0.37
C THR C 185 23.02 -30.76 1.53
N PRO C 186 23.08 -30.05 2.69
CA PRO C 186 22.22 -30.41 3.82
C PRO C 186 20.90 -29.63 3.89
N TYR C 187 20.76 -28.58 3.08
CA TYR C 187 19.65 -27.66 3.21
C TYR C 187 18.36 -28.20 2.60
N VAL C 188 17.23 -27.73 3.15
CA VAL C 188 15.89 -28.14 2.70
C VAL C 188 15.36 -27.03 1.80
N VAL C 189 15.64 -27.16 0.50
CA VAL C 189 15.11 -26.27 -0.53
C VAL C 189 14.75 -27.12 -1.74
N THR C 190 13.77 -26.65 -2.50
CA THR C 190 13.20 -27.39 -3.61
C THR C 190 14.02 -27.09 -4.88
N ARG C 191 14.78 -28.08 -5.37
CA ARG C 191 15.67 -27.88 -6.48
C ARG C 191 15.09 -28.38 -7.83
N TYR C 192 13.78 -28.63 -7.91
CA TYR C 192 13.25 -29.27 -9.11
C TYR C 192 13.19 -28.35 -10.32
N TYR C 193 13.36 -27.03 -10.17
CA TYR C 193 13.22 -26.12 -11.32
C TYR C 193 14.57 -25.57 -11.73
N ARG C 194 15.64 -26.17 -11.20
CA ARG C 194 16.98 -25.70 -11.49
C ARG C 194 17.43 -26.18 -12.86
N ALA C 195 18.01 -25.27 -13.61
CA ALA C 195 18.54 -25.62 -14.90
C ALA C 195 19.73 -26.57 -14.74
N PRO C 196 20.01 -27.38 -15.74
CA PRO C 196 21.23 -28.22 -15.66
C PRO C 196 22.53 -27.47 -15.34
N GLU C 197 22.74 -26.26 -15.90
CA GLU C 197 23.95 -25.51 -15.55
C GLU C 197 23.99 -25.12 -14.07
N VAL C 198 22.88 -25.21 -13.34
CA VAL C 198 22.91 -24.92 -11.91
C VAL C 198 23.03 -26.22 -11.14
N ILE C 199 22.49 -27.30 -11.71
CA ILE C 199 22.61 -28.58 -11.03
C ILE C 199 23.98 -29.18 -11.26
N LEU C 200 24.69 -28.78 -12.31
CA LEU C 200 26.00 -29.33 -12.62
C LEU C 200 27.12 -28.32 -12.40
N GLY C 201 26.80 -27.14 -11.91
CA GLY C 201 27.84 -26.17 -11.60
C GLY C 201 28.63 -25.67 -12.80
N MET C 202 27.98 -25.48 -13.95
CA MET C 202 28.63 -24.85 -15.10
C MET C 202 28.50 -23.33 -15.01
N GLY C 203 28.91 -22.63 -16.07
CA GLY C 203 28.55 -21.24 -16.21
C GLY C 203 27.11 -21.08 -16.66
N TYR C 204 26.58 -19.87 -16.49
CA TYR C 204 25.19 -19.57 -16.82
C TYR C 204 25.09 -18.18 -17.46
N LYS C 205 23.95 -17.93 -18.07
CA LYS C 205 23.61 -16.61 -18.59
C LYS C 205 22.12 -16.33 -18.27
N GLU C 206 21.61 -15.24 -18.84
CA GLU C 206 20.24 -14.81 -18.60
C GLU C 206 19.24 -15.95 -18.76
N ASN C 207 19.49 -16.86 -19.70
CA ASN C 207 18.48 -17.84 -20.11
C ASN C 207 18.44 -19.04 -19.20
N VAL C 208 19.27 -19.01 -18.15
CA VAL C 208 19.08 -19.88 -17.00
C VAL C 208 17.61 -19.87 -16.56
N ASP C 209 16.97 -18.68 -16.53
CA ASP C 209 15.61 -18.58 -16.00
C ASP C 209 14.57 -19.13 -16.98
N ILE C 210 14.92 -19.17 -18.27
CA ILE C 210 14.04 -19.72 -19.30
C ILE C 210 13.81 -21.20 -19.07
N TRP C 211 14.86 -21.92 -18.61
CA TRP C 211 14.66 -23.34 -18.34
C TRP C 211 13.57 -23.54 -17.30
N SER C 212 13.58 -22.74 -16.23
CA SER C 212 12.65 -23.05 -15.15
C SER C 212 11.24 -22.53 -15.44
N VAL C 213 11.12 -21.46 -16.23
CA VAL C 213 9.80 -21.14 -16.75
C VAL C 213 9.29 -22.26 -17.61
N GLY C 214 10.21 -22.96 -18.26
CA GLY C 214 9.79 -24.10 -19.08
C GLY C 214 9.30 -25.21 -18.19
N CYS C 215 9.97 -25.38 -17.05
CA CYS C 215 9.57 -26.41 -16.08
C CYS C 215 8.18 -26.10 -15.54
N ILE C 216 7.87 -24.84 -15.29
CA ILE C 216 6.51 -24.52 -14.76
C ILE C 216 5.51 -24.65 -15.88
N MET C 217 5.82 -24.12 -17.05
CA MET C 217 4.88 -24.26 -18.17
C MET C 217 4.56 -25.73 -18.41
N GLY C 218 5.60 -26.57 -18.50
CA GLY C 218 5.35 -28.00 -18.64
C GLY C 218 4.50 -28.56 -17.53
N GLU C 219 4.68 -28.06 -16.30
CA GLU C 219 3.91 -28.59 -15.19
C GLU C 219 2.43 -28.21 -15.28
N MET C 220 2.11 -26.96 -15.72
CA MET C 220 0.71 -26.55 -15.92
C MET C 220 -0.04 -27.51 -16.86
N ILE C 221 0.67 -28.08 -17.85
CA ILE C 221 0.05 -28.90 -18.88
C ILE C 221 -0.02 -30.36 -18.46
N LYS C 222 1.15 -30.94 -18.12
CA LYS C 222 1.22 -32.37 -17.82
C LYS C 222 0.40 -32.72 -16.58
N GLY C 223 0.43 -31.84 -15.57
CA GLY C 223 -0.33 -31.99 -14.34
C GLY C 223 0.50 -32.16 -13.08
N GLY C 224 1.79 -32.39 -13.19
CA GLY C 224 2.63 -32.57 -12.01
C GLY C 224 4.08 -32.30 -12.35
N VAL C 225 4.89 -32.24 -11.29
CA VAL C 225 6.29 -31.84 -11.43
C VAL C 225 7.00 -32.72 -12.46
N LEU C 226 7.71 -32.06 -13.38
CA LEU C 226 8.41 -32.74 -14.48
C LEU C 226 9.61 -33.53 -14.00
N PHE C 227 10.50 -32.90 -13.23
CA PHE C 227 11.74 -33.54 -12.83
C PHE C 227 11.86 -33.58 -11.32
N PRO C 228 11.12 -34.45 -10.69
CA PRO C 228 11.21 -34.60 -9.22
C PRO C 228 12.41 -35.48 -8.88
N GLY C 229 13.45 -34.86 -8.37
CA GLY C 229 14.66 -35.56 -7.97
C GLY C 229 14.69 -35.81 -6.48
N THR C 230 15.01 -37.05 -6.12
CA THR C 230 15.19 -37.42 -4.71
C THR C 230 16.42 -36.74 -4.11
N ASP C 231 17.47 -36.58 -4.92
CA ASP C 231 18.73 -35.91 -4.60
C ASP C 231 19.16 -35.15 -5.85
N HIS C 232 20.42 -34.69 -5.90
CA HIS C 232 20.95 -34.10 -7.14
C HIS C 232 21.32 -35.16 -8.18
N ILE C 233 21.54 -36.41 -7.76
CA ILE C 233 21.85 -37.46 -8.73
C ILE C 233 20.56 -37.95 -9.42
N ASP C 234 19.48 -38.12 -8.65
CA ASP C 234 18.24 -38.49 -9.28
C ASP C 234 17.72 -37.38 -10.19
N GLN C 235 18.07 -36.13 -9.87
CA GLN C 235 17.54 -35.02 -10.65
C GLN C 235 18.13 -35.01 -12.05
N TRP C 236 19.41 -35.37 -12.19
CA TRP C 236 19.97 -35.45 -13.53
C TRP C 236 19.39 -36.65 -14.28
N ASN C 237 19.12 -37.74 -13.57
CA ASN C 237 18.58 -38.93 -14.20
C ASN C 237 17.24 -38.63 -14.84
N LYS C 238 16.33 -37.99 -14.09
CA LYS C 238 15.01 -37.71 -14.64
C LYS C 238 15.06 -36.66 -15.75
N VAL C 239 16.12 -35.86 -15.81
CA VAL C 239 16.21 -34.91 -16.90
C VAL C 239 16.59 -35.62 -18.20
N ILE C 240 17.65 -36.42 -18.19
CA ILE C 240 18.15 -37.00 -19.44
C ILE C 240 17.19 -38.05 -19.98
N GLU C 241 16.52 -38.81 -19.11
CA GLU C 241 15.57 -39.80 -19.59
C GLU C 241 14.43 -39.17 -20.37
N GLN C 242 14.02 -37.96 -20.01
CA GLN C 242 12.92 -37.40 -20.77
C GLN C 242 13.39 -36.63 -22.00
N LEU C 243 14.48 -35.86 -21.90
CA LEU C 243 14.97 -35.06 -23.02
C LEU C 243 16.08 -35.73 -23.78
N GLY C 244 16.59 -36.84 -23.29
CA GLY C 244 17.70 -37.42 -24.02
C GLY C 244 19.04 -36.86 -23.60
N THR C 245 20.07 -37.68 -23.79
CA THR C 245 21.42 -37.36 -23.39
C THR C 245 21.90 -36.14 -24.16
N PRO C 246 22.46 -35.13 -23.49
CA PRO C 246 22.96 -33.97 -24.23
C PRO C 246 24.15 -34.34 -25.11
N CYS C 247 24.49 -33.42 -26.01
CA CYS C 247 25.48 -33.69 -27.05
C CYS C 247 26.89 -33.64 -26.47
N PRO C 248 27.86 -34.28 -27.15
CA PRO C 248 29.24 -34.29 -26.62
C PRO C 248 29.86 -32.91 -26.49
N GLU C 249 29.43 -31.97 -27.34
CA GLU C 249 29.92 -30.60 -27.19
C GLU C 249 29.43 -29.96 -25.90
N PHE C 250 28.30 -30.42 -25.33
CA PHE C 250 27.84 -29.84 -24.07
C PHE C 250 28.62 -30.42 -22.90
N MET C 251 28.93 -31.71 -22.94
CA MET C 251 29.62 -32.40 -21.86
C MET C 251 31.07 -31.97 -21.72
N LYS C 252 31.51 -30.96 -22.47
CA LYS C 252 32.88 -30.47 -22.37
C LYS C 252 32.92 -29.19 -21.55
N LYS C 253 31.82 -28.44 -21.50
CA LYS C 253 31.76 -27.30 -20.61
C LYS C 253 31.69 -27.72 -19.14
N LEU C 254 31.64 -29.02 -18.87
CA LEU C 254 31.59 -29.56 -17.52
C LEU C 254 32.97 -29.55 -16.86
N GLN C 255 32.94 -29.58 -15.53
CA GLN C 255 34.15 -29.78 -14.75
C GLN C 255 34.53 -31.27 -14.86
N PRO C 256 35.79 -31.61 -14.60
CA PRO C 256 36.26 -33.00 -14.89
C PRO C 256 35.51 -34.14 -14.18
N THR C 257 35.33 -34.13 -12.86
CA THR C 257 34.50 -35.19 -12.26
C THR C 257 33.07 -35.21 -12.78
N VAL C 258 32.52 -34.03 -13.07
CA VAL C 258 31.14 -34.02 -13.52
C VAL C 258 31.04 -34.61 -14.91
N ARG C 259 31.99 -34.23 -15.78
CA ARG C 259 32.00 -34.73 -17.16
C ARG C 259 32.07 -36.25 -17.18
N THR C 260 32.98 -36.84 -16.39
CA THR C 260 33.04 -38.31 -16.39
C THR C 260 31.76 -38.92 -15.83
N TYR C 261 31.26 -38.41 -14.70
CA TYR C 261 30.02 -38.97 -14.16
C TYR C 261 28.92 -39.01 -15.21
N VAL C 262 28.68 -37.86 -15.86
CA VAL C 262 27.61 -37.78 -16.84
C VAL C 262 27.94 -38.67 -18.03
N GLU C 263 29.14 -38.49 -18.60
CA GLU C 263 29.57 -39.30 -19.73
C GLU C 263 29.49 -40.78 -19.43
N ASN C 264 29.43 -41.17 -18.15
CA ASN C 264 29.28 -42.56 -17.72
C ASN C 264 27.82 -42.95 -17.41
N ARG C 265 26.87 -42.03 -17.49
CA ARG C 265 25.48 -42.45 -17.33
C ARG C 265 25.03 -43.22 -18.55
N PRO C 266 24.18 -44.23 -18.37
CA PRO C 266 23.61 -44.94 -19.52
C PRO C 266 22.96 -43.97 -20.51
N LYS C 267 23.35 -44.09 -21.78
CA LYS C 267 22.83 -43.21 -22.83
C LYS C 267 21.31 -43.33 -23.04
N TYR C 268 20.64 -42.19 -23.21
CA TYR C 268 19.20 -42.06 -23.41
C TYR C 268 18.89 -41.25 -24.65
N ALA C 269 17.94 -41.72 -25.44
CA ALA C 269 17.53 -40.91 -26.57
C ALA C 269 16.37 -40.00 -26.24
N GLY C 270 15.58 -40.33 -25.23
CA GLY C 270 14.50 -39.48 -24.79
C GLY C 270 13.31 -39.51 -25.70
N TYR C 271 12.26 -38.82 -25.26
CA TYR C 271 11.01 -38.70 -25.99
C TYR C 271 10.95 -37.36 -26.70
N SER C 272 10.19 -37.34 -27.77
CA SER C 272 9.84 -36.10 -28.42
C SER C 272 8.78 -35.41 -27.60
N PHE C 273 8.62 -34.11 -27.85
CA PHE C 273 7.64 -33.29 -27.16
C PHE C 273 6.23 -33.61 -27.60
N GLU C 274 6.06 -34.19 -28.79
CA GLU C 274 4.79 -34.79 -29.14
C GLU C 274 4.49 -35.97 -28.24
N LYS C 275 5.53 -36.69 -27.80
CA LYS C 275 5.36 -37.82 -26.90
C LYS C 275 5.35 -37.39 -25.45
N LEU C 276 6.18 -36.41 -25.08
CA LEU C 276 6.15 -35.89 -23.72
C LEU C 276 4.85 -35.13 -23.42
N PHE C 277 4.33 -34.38 -24.38
CA PHE C 277 3.12 -33.59 -24.14
C PHE C 277 2.03 -34.02 -25.11
N PRO C 278 1.36 -35.16 -24.85
CA PRO C 278 0.33 -35.64 -25.77
C PRO C 278 -0.87 -34.71 -25.81
N ASP C 279 -1.59 -34.70 -26.95
CA ASP C 279 -2.64 -33.71 -27.15
C ASP C 279 -3.82 -33.84 -26.19
N VAL C 280 -3.98 -34.99 -25.51
CA VAL C 280 -5.03 -35.12 -24.50
C VAL C 280 -4.79 -34.21 -23.29
N LEU C 281 -3.54 -34.06 -22.89
CA LEU C 281 -3.24 -33.21 -21.73
C LEU C 281 -3.65 -31.77 -21.98
N PHE C 282 -3.71 -31.36 -23.23
CA PHE C 282 -4.14 -30.01 -23.52
C PHE C 282 -5.64 -29.95 -23.49
N PRO C 283 -6.22 -28.76 -23.29
CA PRO C 283 -7.68 -28.67 -23.35
C PRO C 283 -8.09 -28.67 -24.81
N ALA C 284 -8.87 -29.67 -25.19
CA ALA C 284 -9.21 -29.84 -26.58
C ALA C 284 -10.42 -28.99 -26.97
N ASP C 285 -10.52 -28.72 -28.28
CA ASP C 285 -11.63 -27.96 -28.87
C ASP C 285 -11.64 -28.09 -30.40
N SER C 286 -11.13 -27.09 -31.11
CA SER C 286 -11.30 -26.99 -32.56
C SER C 286 -9.95 -26.73 -33.22
N GLU C 287 -9.98 -26.31 -34.49
CA GLU C 287 -8.74 -26.02 -35.23
C GLU C 287 -7.94 -24.90 -34.57
N HIS C 288 -8.63 -23.89 -34.03
CA HIS C 288 -7.95 -22.81 -33.31
C HIS C 288 -7.27 -23.34 -32.05
N ASN C 289 -7.90 -24.31 -31.37
CA ASN C 289 -7.28 -25.00 -30.23
C ASN C 289 -6.33 -26.09 -30.71
N LYS C 290 -6.60 -26.58 -31.91
CA LYS C 290 -5.66 -27.54 -32.51
C LYS C 290 -4.37 -26.75 -32.75
N LEU C 291 -4.52 -25.48 -33.12
CA LEU C 291 -3.36 -24.61 -33.38
C LEU C 291 -2.58 -24.32 -32.09
N LYS C 292 -3.28 -24.12 -30.98
CA LYS C 292 -2.64 -23.74 -29.69
C LYS C 292 -1.75 -24.86 -29.15
N ALA C 293 -2.22 -26.10 -29.10
CA ALA C 293 -1.38 -27.16 -28.59
C ALA C 293 -0.05 -27.26 -29.34
N SER C 294 -0.10 -27.19 -30.69
CA SER C 294 1.13 -27.14 -31.51
C SER C 294 2.08 -26.04 -31.02
N GLN C 295 1.59 -24.79 -30.93
CA GLN C 295 2.43 -23.66 -30.53
C GLN C 295 2.97 -23.82 -29.09
N ALA C 296 2.12 -24.23 -28.13
CA ALA C 296 2.60 -24.45 -26.77
C ALA C 296 3.69 -25.51 -26.73
N ARG C 297 3.41 -26.69 -27.31
CA ARG C 297 4.41 -27.75 -27.35
C ARG C 297 5.70 -27.30 -28.02
N ASP C 298 5.61 -26.33 -28.92
CA ASP C 298 6.77 -25.86 -29.65
C ASP C 298 7.64 -24.97 -28.81
N LEU C 299 7.00 -24.04 -28.09
CA LEU C 299 7.70 -23.19 -27.13
C LEU C 299 8.38 -24.02 -26.05
N LEU C 300 7.68 -25.01 -25.51
CA LEU C 300 8.31 -25.96 -24.58
C LEU C 300 9.59 -26.55 -25.15
N SER C 301 9.47 -27.11 -26.37
CA SER C 301 10.59 -27.71 -27.08
C SER C 301 11.80 -26.78 -27.14
N LYS C 302 11.63 -25.45 -27.07
CA LYS C 302 12.76 -24.50 -27.12
C LYS C 302 13.21 -23.98 -25.74
N MET C 303 12.42 -24.19 -24.70
CA MET C 303 12.78 -23.76 -23.37
C MET C 303 13.37 -24.88 -22.54
N LEU C 304 12.76 -26.06 -22.58
CA LEU C 304 13.28 -27.29 -21.96
C LEU C 304 14.34 -27.90 -22.89
N VAL C 305 15.45 -27.18 -22.98
CA VAL C 305 16.61 -27.57 -23.77
C VAL C 305 17.79 -27.62 -22.81
N ILE C 306 18.47 -28.77 -22.78
CA ILE C 306 19.56 -29.02 -21.83
C ILE C 306 20.71 -28.05 -22.06
N ASP C 307 21.16 -27.96 -23.31
CA ASP C 307 22.25 -27.09 -23.71
C ASP C 307 21.74 -25.66 -23.86
N ALA C 308 22.31 -24.71 -23.10
CA ALA C 308 21.78 -23.35 -23.13
C ALA C 308 22.10 -22.61 -24.43
N SER C 309 23.22 -22.93 -25.08
CA SER C 309 23.43 -22.52 -26.47
C SER C 309 22.14 -22.56 -27.30
N LYS C 310 21.43 -23.71 -27.29
CA LYS C 310 20.27 -23.92 -28.14
C LYS C 310 18.96 -23.56 -27.45
N ARG C 311 19.02 -22.98 -26.26
CA ARG C 311 17.82 -22.65 -25.51
C ARG C 311 17.40 -21.23 -25.81
N ILE C 312 16.09 -21.02 -25.90
CA ILE C 312 15.56 -19.72 -26.29
C ILE C 312 15.83 -18.67 -25.19
N SER C 313 15.81 -17.41 -25.60
CA SER C 313 15.98 -16.27 -24.70
C SER C 313 14.62 -15.67 -24.30
N VAL C 314 14.64 -14.82 -23.26
CA VAL C 314 13.39 -14.21 -22.80
C VAL C 314 12.79 -13.35 -23.93
N ASP C 315 13.64 -12.57 -24.59
CA ASP C 315 13.17 -11.72 -25.69
C ASP C 315 12.53 -12.54 -26.80
N GLU C 316 13.16 -13.67 -27.16
CA GLU C 316 12.61 -14.57 -28.17
C GLU C 316 11.34 -15.25 -27.65
N ALA C 317 11.33 -15.66 -26.37
CA ALA C 317 10.11 -16.27 -25.84
C ALA C 317 8.95 -15.27 -25.77
N LEU C 318 9.22 -13.99 -25.52
CA LEU C 318 8.10 -13.06 -25.42
C LEU C 318 7.47 -12.77 -26.78
N GLN C 319 8.23 -12.83 -27.86
CA GLN C 319 7.61 -12.62 -29.16
C GLN C 319 7.28 -13.94 -29.85
N HIS C 320 7.09 -14.98 -29.03
CA HIS C 320 6.64 -16.26 -29.55
C HIS C 320 5.13 -16.25 -29.71
N PRO C 321 4.63 -16.81 -30.82
CA PRO C 321 3.17 -16.81 -31.09
C PRO C 321 2.28 -17.21 -29.92
N TYR C 322 2.65 -18.24 -29.14
CA TYR C 322 1.85 -18.65 -28.00
C TYR C 322 1.72 -17.54 -26.96
N ILE C 323 2.72 -16.67 -26.89
CA ILE C 323 2.85 -15.70 -25.81
C ILE C 323 2.59 -14.26 -26.27
N ASN C 324 2.87 -13.93 -27.55
CA ASN C 324 2.86 -12.53 -27.98
C ASN C 324 1.46 -12.00 -28.28
N VAL C 325 0.43 -12.79 -28.01
CA VAL C 325 -0.94 -12.26 -28.07
C VAL C 325 -1.10 -11.11 -27.08
N TRP C 326 -0.45 -11.19 -25.91
CA TRP C 326 -0.64 -10.22 -24.84
C TRP C 326 0.34 -9.06 -24.88
N TYR C 327 1.12 -8.92 -25.97
CA TYR C 327 2.25 -7.98 -25.99
C TYR C 327 1.77 -6.53 -26.05
N ASP C 328 1.27 -6.08 -24.93
CA ASP C 328 1.18 -4.67 -24.74
C ASP C 328 2.59 -4.17 -24.41
N PRO C 329 3.14 -3.20 -25.16
CA PRO C 329 4.51 -2.77 -24.87
C PRO C 329 4.70 -2.13 -23.49
N SER C 330 3.74 -1.34 -22.99
CA SER C 330 3.70 -0.86 -21.60
C SER C 330 4.35 -1.76 -20.55
N GLU C 331 3.96 -3.03 -20.52
CA GLU C 331 4.43 -3.94 -19.50
C GLU C 331 5.61 -4.77 -19.96
N ALA C 332 5.88 -4.79 -21.27
CA ALA C 332 7.06 -5.43 -21.81
C ALA C 332 8.25 -4.49 -21.99
N GLU C 333 8.03 -3.17 -22.10
CA GLU C 333 9.12 -2.20 -22.18
C GLU C 333 8.88 -1.16 -21.08
N ALA C 334 9.25 -1.56 -19.87
CA ALA C 334 9.05 -0.79 -18.65
C ALA C 334 10.30 0.02 -18.35
N PRO C 335 10.25 0.93 -17.38
CA PRO C 335 11.48 1.68 -17.01
C PRO C 335 12.36 0.85 -16.10
N PRO C 336 13.56 0.48 -16.55
CA PRO C 336 14.40 -0.49 -15.80
C PRO C 336 15.05 0.13 -14.58
N PRO C 337 15.32 -0.66 -13.54
CA PRO C 337 15.77 -0.12 -12.25
C PRO C 337 17.22 0.32 -12.22
N LYS C 338 17.51 1.18 -11.24
CA LYS C 338 18.84 1.71 -10.94
C LYS C 338 19.16 1.23 -9.53
N ILE C 339 19.79 0.05 -9.43
CA ILE C 339 20.12 -0.52 -8.14
C ILE C 339 21.04 0.48 -7.45
N PRO C 340 20.58 1.14 -6.37
CA PRO C 340 21.35 2.26 -5.80
C PRO C 340 22.65 1.83 -5.16
N ASP C 341 22.76 0.59 -4.70
CA ASP C 341 23.96 0.18 -4.00
C ASP C 341 25.06 -0.09 -5.01
N LYS C 342 24.89 -1.16 -5.78
CA LYS C 342 25.80 -1.62 -6.85
C LYS C 342 27.11 -2.15 -6.29
N GLN C 343 27.59 -1.67 -5.13
CA GLN C 343 28.59 -2.50 -4.46
C GLN C 343 27.90 -3.74 -3.93
N LEU C 344 26.58 -3.74 -4.09
CA LEU C 344 25.67 -4.86 -3.87
C LEU C 344 26.24 -6.17 -4.37
N ASP C 345 26.79 -6.21 -5.60
CA ASP C 345 27.06 -7.49 -6.22
C ASP C 345 28.23 -8.26 -5.58
N GLU C 346 29.11 -7.59 -4.83
CA GLU C 346 30.26 -8.26 -4.23
C GLU C 346 30.64 -7.52 -2.95
N ARG C 347 30.18 -8.02 -1.81
CA ARG C 347 30.48 -7.40 -0.53
C ARG C 347 30.29 -8.45 0.56
N GLU C 348 31.27 -8.54 1.47
CA GLU C 348 31.22 -9.49 2.58
C GLU C 348 31.78 -8.85 3.85
N HIS C 349 30.95 -8.79 4.89
CA HIS C 349 31.27 -8.25 6.21
C HIS C 349 31.06 -9.34 7.24
N THR C 350 31.35 -9.04 8.50
CA THR C 350 30.99 -9.96 9.57
C THR C 350 29.68 -9.54 10.24
N ILE C 351 29.11 -10.48 11.00
CA ILE C 351 27.71 -10.43 11.42
C ILE C 351 27.35 -9.16 12.18
N GLU C 352 28.30 -8.58 12.93
CA GLU C 352 27.94 -7.36 13.64
C GLU C 352 27.71 -6.21 12.66
N GLU C 353 28.58 -6.05 11.65
CA GLU C 353 28.34 -4.96 10.71
C GLU C 353 27.15 -5.25 9.79
N TRP C 354 26.96 -6.51 9.35
CA TRP C 354 25.74 -6.85 8.63
C TRP C 354 24.51 -6.46 9.45
N LYS C 355 24.53 -6.76 10.76
CA LYS C 355 23.46 -6.38 11.67
C LYS C 355 23.15 -4.89 11.56
N GLU C 356 24.16 -4.05 11.81
CA GLU C 356 23.97 -2.63 11.62
C GLU C 356 23.67 -2.27 10.17
N LEU C 357 24.26 -3.00 9.21
CA LEU C 357 23.93 -2.74 7.81
C LEU C 357 22.46 -3.02 7.52
N ILE C 358 21.94 -4.14 8.02
CA ILE C 358 20.51 -4.42 7.85
C ILE C 358 19.70 -3.45 8.70
N TYR C 359 20.18 -3.14 9.91
CA TYR C 359 19.44 -2.24 10.79
C TYR C 359 19.27 -0.87 10.15
N LYS C 360 20.36 -0.30 9.61
CA LYS C 360 20.31 1.05 9.05
C LYS C 360 19.54 1.10 7.75
N GLU C 361 19.28 -0.06 7.14
CA GLU C 361 18.34 -0.16 6.04
C GLU C 361 16.89 -0.14 6.54
N VAL C 362 16.59 -0.85 7.63
CA VAL C 362 15.22 -0.92 8.12
C VAL C 362 14.75 0.46 8.60
N MET C 363 15.66 1.29 9.10
CA MET C 363 15.35 2.53 9.81
C MET C 363 15.73 3.80 9.04
N ASP C 364 15.95 3.71 7.74
CA ASP C 364 16.22 4.93 6.99
C ASP C 364 15.13 5.12 5.95
N TYR D 1 -0.01 7.22 -38.03
CA TYR D 1 0.66 7.81 -36.88
C TYR D 1 0.27 9.28 -36.69
N SER D 2 -0.66 9.52 -35.77
CA SER D 2 -0.95 10.85 -35.23
C SER D 2 -1.70 10.72 -33.92
N ASP D 3 -1.26 11.44 -32.88
CA ASP D 3 -1.64 11.12 -31.51
C ASP D 3 -2.98 11.74 -31.15
N ASP D 4 -4.01 10.89 -31.12
CA ASP D 4 -5.28 11.16 -30.47
C ASP D 4 -5.66 9.90 -29.74
N LYS D 5 -6.44 10.01 -28.66
CA LYS D 5 -6.81 8.84 -27.87
C LYS D 5 -8.32 8.59 -27.89
N PRO D 6 -8.92 8.25 -29.06
CA PRO D 6 -10.35 7.94 -29.07
C PRO D 6 -10.60 6.52 -28.61
N PHE D 7 -9.64 5.61 -28.84
CA PHE D 7 -9.79 4.20 -28.48
C PHE D 7 -9.57 4.05 -26.98
N LEU D 8 -10.63 3.79 -26.23
CA LEU D 8 -10.57 3.94 -24.79
C LEU D 8 -10.97 2.66 -24.09
N CYS D 9 -10.21 2.31 -23.07
CA CYS D 9 -10.71 1.28 -22.19
C CYS D 9 -11.71 1.92 -21.25
N THR D 10 -12.76 1.18 -20.95
CA THR D 10 -13.85 1.67 -20.11
C THR D 10 -13.90 1.00 -18.74
N ALA D 11 -12.90 0.20 -18.38
CA ALA D 11 -12.93 -0.51 -17.10
C ALA D 11 -12.85 0.47 -15.93
N PRO D 12 -13.55 0.20 -14.82
CA PRO D 12 -13.54 1.13 -13.69
C PRO D 12 -12.16 1.25 -13.05
N GLY D 13 -11.63 2.48 -12.97
CA GLY D 13 -10.31 2.74 -12.42
C GLY D 13 -9.14 2.57 -13.37
N CYS D 14 -9.41 2.25 -14.64
CA CYS D 14 -8.37 2.09 -15.66
C CYS D 14 -8.74 2.96 -16.85
N GLY D 15 -7.92 3.94 -17.18
CA GLY D 15 -8.30 4.80 -18.27
C GLY D 15 -7.50 4.68 -19.56
N ARG D 16 -6.82 3.55 -19.78
CA ARG D 16 -5.81 3.49 -20.83
C ARG D 16 -6.40 3.44 -22.22
N ARG D 17 -5.64 3.99 -23.17
CA ARG D 17 -6.05 4.21 -24.54
C ARG D 17 -4.98 3.62 -25.46
N PHE D 18 -5.43 3.11 -26.60
CA PHE D 18 -4.63 2.30 -27.50
C PHE D 18 -4.64 2.80 -28.94
N THR D 19 -3.56 2.52 -29.66
CA THR D 19 -3.44 2.95 -31.05
C THR D 19 -4.21 2.06 -32.02
N ASN D 20 -4.55 0.82 -31.65
CA ASN D 20 -5.26 -0.10 -32.52
C ASN D 20 -6.53 -0.60 -31.83
N GLU D 21 -7.63 -0.68 -32.58
CA GLU D 21 -8.87 -1.14 -31.97
C GLU D 21 -8.72 -2.53 -31.39
N ASP D 22 -8.10 -3.45 -32.13
CA ASP D 22 -7.90 -4.80 -31.64
C ASP D 22 -7.07 -4.81 -30.36
N HIS D 23 -6.11 -3.89 -30.26
CA HIS D 23 -5.25 -3.86 -29.08
C HIS D 23 -6.05 -3.60 -27.81
N LEU D 24 -7.11 -2.78 -27.91
CA LEU D 24 -7.99 -2.60 -26.75
C LEU D 24 -8.78 -3.89 -26.45
N ALA D 25 -9.12 -4.64 -27.50
CA ALA D 25 -9.88 -5.87 -27.30
C ALA D 25 -9.11 -6.82 -26.39
N VAL D 26 -7.81 -7.00 -26.62
CA VAL D 26 -7.07 -7.88 -25.74
C VAL D 26 -6.91 -7.26 -24.37
N HIS D 27 -6.84 -5.92 -24.30
CA HIS D 27 -6.79 -5.29 -22.99
C HIS D 27 -8.07 -5.58 -22.22
N LYS D 28 -9.22 -5.56 -22.92
CA LYS D 28 -10.47 -5.90 -22.25
C LYS D 28 -10.41 -7.34 -21.78
N ARG D 29 -9.67 -8.18 -22.51
CA ARG D 29 -9.66 -9.57 -22.12
C ARG D 29 -8.75 -9.81 -20.93
N LYS D 30 -7.88 -8.84 -20.63
CA LYS D 30 -7.06 -8.95 -19.44
C LYS D 30 -7.88 -8.66 -18.22
N HIS D 31 -8.81 -7.72 -18.35
CA HIS D 31 -9.72 -7.45 -17.25
C HIS D 31 -10.64 -8.63 -17.00
N GLU D 32 -11.02 -9.35 -18.05
CA GLU D 32 -12.02 -10.39 -17.85
C GLU D 32 -11.49 -11.72 -17.30
N MET D 33 -10.19 -11.89 -17.10
CA MET D 33 -9.74 -13.19 -16.61
C MET D 33 -10.03 -13.36 -15.10
N THR D 34 -10.09 -14.63 -14.71
CA THR D 34 -10.51 -15.07 -13.38
C THR D 34 -9.66 -16.25 -12.95
N LEU D 35 -9.62 -16.48 -11.63
CA LEU D 35 -9.09 -17.73 -11.07
C LEU D 35 -9.78 -18.11 -9.75
N LYS D 36 -9.95 -19.45 -9.56
CA LYS D 36 -10.47 -20.08 -8.34
C LYS D 36 -9.42 -21.09 -7.88
N PHE D 37 -9.25 -21.27 -6.56
CA PHE D 37 -8.13 -22.06 -6.03
C PHE D 37 -8.47 -22.70 -4.69
N GLY D 38 -7.58 -23.61 -4.26
CA GLY D 38 -7.69 -24.24 -2.95
C GLY D 38 -6.41 -24.13 -2.12
MG MG E . -9.00 8.44 4.26
PG ANP F . -11.13 9.26 2.12
O1G ANP F . -11.89 8.05 2.53
O2G ANP F . -12.01 10.51 1.77
O3G ANP F . -10.10 9.59 3.30
PB ANP F . -8.78 8.45 0.80
O1B ANP F . -8.41 8.06 2.20
O2B ANP F . -8.74 7.21 -0.08
N3B ANP F . -10.36 8.93 0.66
PA ANP F . -7.45 10.83 0.97
O1A ANP F . -8.06 11.98 0.42
O2A ANP F . -7.71 10.46 2.42
O3A ANP F . -7.85 9.55 0.19
O5' ANP F . -6.00 11.04 0.67
C5' ANP F . -5.18 9.84 0.58
C4' ANP F . -3.86 10.14 1.23
O4' ANP F . -3.08 10.97 0.33
C3' ANP F . -4.04 10.96 2.50
O3' ANP F . -4.12 10.11 3.63
C2' ANP F . -2.78 11.82 2.52
O2' ANP F . -1.70 11.12 3.12
C1' ANP F . -2.52 12.07 1.03
N9 ANP F . -3.14 13.32 0.57
C8 ANP F . -4.44 13.48 0.17
N7 ANP F . -4.72 14.70 -0.20
C5 ANP F . -3.55 15.42 -0.01
C6 ANP F . -3.19 16.78 -0.16
N6 ANP F . -4.06 17.70 -0.60
N1 ANP F . -1.92 17.15 0.12
C2 ANP F . -1.07 16.22 0.58
N3 ANP F . -1.29 14.92 0.78
C4 ANP F . -2.54 14.56 0.47
MG MG G . -13.41 11.77 1.25
ZN ZN H . 3.56 37.26 9.92
PG ANP I . 11.78 -17.79 0.78
O1G ANP I . 12.58 -19.06 1.04
O2G ANP I . 12.74 -16.59 0.45
O3G ANP I . 10.73 -17.92 -0.41
PB ANP I . 9.59 -18.46 2.34
O1B ANP I . 9.57 -19.47 1.25
O2B ANP I . 9.76 -19.13 3.73
N3B ANP I . 10.89 -17.42 2.16
PA ANP I . 7.80 -16.85 1.01
O1A ANP I . 8.37 -15.50 1.08
O2A ANP I . 8.27 -17.55 -0.27
O3A ANP I . 8.22 -17.70 2.30
O5' ANP I . 6.22 -16.90 1.11
C5' ANP I . 5.82 -18.17 1.67
C4' ANP I . 4.42 -18.42 1.17
O4' ANP I . 3.55 -17.42 1.72
C3' ANP I . 4.28 -18.31 -0.35
O3' ANP I . 4.54 -19.56 -0.99
C2' ANP I . 2.85 -17.81 -0.53
O2' ANP I . 1.90 -18.86 -0.68
C1' ANP I . 2.62 -16.98 0.75
N9 ANP I . 2.83 -15.56 0.51
C8 ANP I . 3.96 -14.81 0.69
N7 ANP I . 3.83 -13.55 0.36
C5 ANP I . 2.50 -13.45 -0.07
C6 ANP I . 1.73 -12.39 -0.54
N6 ANP I . 2.20 -11.15 -0.71
N1 ANP I . 0.43 -12.64 -0.86
C2 ANP I . -0.03 -13.88 -0.72
N3 ANP I . 0.60 -14.97 -0.27
C4 ANP I . 1.88 -14.69 0.03
MG MG J . 9.30 -19.53 -0.76
MG MG K . 12.74 -14.33 -0.12
ZN ZN L . -8.30 -1.28 -18.91
#